data_4UND
#
_entry.id   4UND
#
_cell.length_a   103.455
_cell.length_b   103.455
_cell.length_c   168.539
_cell.angle_alpha   90.00
_cell.angle_beta   90.00
_cell.angle_gamma   90.00
#
_symmetry.space_group_name_H-M   'P 41 21 2'
#
loop_
_entity.id
_entity.type
_entity.pdbx_description
1 polymer 'POLY [ADP-RIBOSE] POLYMERASE 1'
2 non-polymer (8S,9R)-5-fluoro-8-(4-fluorophenyl)-9-(1-methyl-1H-1,2,4-triazol-5-yl)-2,7,8,9-tetrahydro-3H-pyrido[4,3,2-de]phthalazin-3-one
3 non-polymer 'SODIUM ION'
4 water water
#
_entity_poly.entity_id   1
_entity_poly.type   'polypeptide(L)'
_entity_poly.pdbx_seq_one_letter_code
;MHHHHHHSSGVDLGTENLYFQSMKSKLPKPVQDLIKMIFDVESMKKAMVEYEIDLQKMPLGKLSKRQIQAAYSILSEVQQ
AVSQGSSDSQILDLSNRFYTLIPHDFGMKKPPLLNNADSVQAKAEMLDNLLDIEVAYSLLRGGSDDSSKDPIDVNYEKLK
TDIKVVDRDSEEAEIIRKYVKNTHATTHNAYDLEVIDIFKIEREGECQRYKPFKQLHNRRLLWHGSRTTNFAGILSQGLR
IAPPEAPVTGYMFGKGIYFADMVSKSANYCHTSQGDPIGLILLGEVALGNMYELKHASHISKLPKGKHSVKGLGKTTPDP
SANISLDGVDVPLGTGISSGVNDTSLLYNEYIVYDIAQVNLKYLLKLKFNFKT
;
_entity_poly.pdbx_strand_id   A,B
#
loop_
_chem_comp.id
_chem_comp.type
_chem_comp.name
_chem_comp.formula
2YQ non-polymer (8S,9R)-5-fluoro-8-(4-fluorophenyl)-9-(1-methyl-1H-1,2,4-triazol-5-yl)-2,7,8,9-tetrahydro-3H-pyrido[4,3,2-de]phthalazin-3-one 'C19 H14 F2 N6 O'
NA non-polymer 'SODIUM ION' 'Na 1'
#
# COMPACT_ATOMS: atom_id res chain seq x y z
N ASN A 17 -18.81 -21.42 -36.57
CA ASN A 17 -17.82 -21.41 -37.66
C ASN A 17 -17.20 -22.82 -37.77
N LEU A 18 -15.97 -22.92 -38.28
CA LEU A 18 -15.19 -24.17 -38.27
C LEU A 18 -14.33 -24.23 -37.02
N TYR A 19 -14.03 -23.06 -36.46
CA TYR A 19 -13.08 -22.95 -35.38
C TYR A 19 -13.80 -22.62 -34.11
N PHE A 20 -13.24 -23.09 -33.01
CA PHE A 20 -13.63 -22.68 -31.68
C PHE A 20 -12.92 -21.37 -31.39
N GLN A 21 -13.66 -20.39 -30.91
CA GLN A 21 -13.07 -19.10 -30.64
C GLN A 21 -12.98 -18.90 -29.13
N SER A 22 -11.75 -18.87 -28.65
CA SER A 22 -11.47 -18.80 -27.23
C SER A 22 -11.97 -17.48 -26.66
N MET A 23 -12.32 -17.48 -25.38
CA MET A 23 -12.66 -16.25 -24.70
C MET A 23 -11.43 -15.55 -24.12
N LYS A 24 -10.24 -16.11 -24.34
CA LYS A 24 -8.98 -15.47 -23.96
C LYS A 24 -8.73 -14.19 -24.74
N SER A 25 -7.85 -13.36 -24.19
CA SER A 25 -7.42 -12.14 -24.83
C SER A 25 -6.61 -12.36 -26.09
N LYS A 26 -6.85 -11.54 -27.09
CA LYS A 26 -6.10 -11.60 -28.34
C LYS A 26 -4.87 -10.72 -28.34
N LEU A 27 -4.59 -10.12 -27.18
CA LEU A 27 -3.49 -9.19 -27.02
C LEU A 27 -2.27 -9.90 -26.49
N PRO A 28 -1.09 -9.40 -26.86
CA PRO A 28 0.08 -9.98 -26.20
C PRO A 28 0.08 -9.74 -24.69
N LYS A 29 0.74 -10.64 -23.99
CA LYS A 29 0.79 -10.70 -22.55
C LYS A 29 1.19 -9.36 -21.86
N PRO A 30 2.23 -8.68 -22.37
CA PRO A 30 2.56 -7.41 -21.70
C PRO A 30 1.47 -6.36 -21.91
N VAL A 31 0.82 -6.37 -23.06
CA VAL A 31 -0.26 -5.43 -23.24
C VAL A 31 -1.40 -5.82 -22.30
N GLN A 32 -1.65 -7.12 -22.13
CA GLN A 32 -2.73 -7.55 -21.22
C GLN A 32 -2.46 -7.02 -19.82
N ASP A 33 -1.24 -7.18 -19.35
CA ASP A 33 -0.87 -6.70 -18.03
C ASP A 33 -0.95 -5.19 -17.89
N LEU A 34 -0.61 -4.47 -18.95
CA LEU A 34 -0.79 -3.04 -18.94
C LEU A 34 -2.26 -2.65 -18.74
N ILE A 35 -3.16 -3.29 -19.48
CA ILE A 35 -4.59 -2.97 -19.40
C ILE A 35 -5.12 -3.27 -18.00
N LYS A 36 -4.70 -4.40 -17.43
CA LYS A 36 -5.14 -4.76 -16.07
C LYS A 36 -4.63 -3.75 -15.03
N MET A 37 -3.38 -3.34 -15.17
CA MET A 37 -2.81 -2.36 -14.29
C MET A 37 -3.60 -1.04 -14.39
N ILE A 38 -3.94 -0.55 -15.56
CA ILE A 38 -4.57 0.76 -15.61
C ILE A 38 -6.07 0.74 -15.33
N PHE A 39 -6.73 -0.41 -15.47
CA PHE A 39 -8.10 -0.59 -15.04
C PHE A 39 -8.25 -1.32 -13.69
N ASP A 40 -7.23 -1.31 -12.86
CA ASP A 40 -7.23 -1.96 -11.58
C ASP A 40 -8.18 -1.26 -10.58
N VAL A 41 -9.27 -1.91 -10.23
CA VAL A 41 -10.27 -1.28 -9.41
C VAL A 41 -9.76 -1.19 -8.00
N GLU A 42 -8.97 -2.16 -7.59
CA GLU A 42 -8.38 -2.12 -6.27
C GLU A 42 -7.54 -0.86 -6.06
N SER A 43 -6.77 -0.46 -7.05
CA SER A 43 -6.00 0.78 -6.97
C SER A 43 -6.87 2.02 -6.89
N MET A 44 -7.97 2.03 -7.63
CA MET A 44 -8.94 3.12 -7.54
C MET A 44 -9.44 3.21 -6.10
N LYS A 45 -9.78 2.09 -5.52
CA LYS A 45 -10.27 2.08 -4.15
C LYS A 45 -9.26 2.54 -3.14
N LYS A 46 -8.02 2.08 -3.28
CA LYS A 46 -6.97 2.54 -2.37
C LYS A 46 -6.80 4.03 -2.42
N ALA A 47 -6.79 4.59 -3.62
CA ALA A 47 -6.72 6.02 -3.74
C ALA A 47 -7.83 6.71 -2.93
N MET A 48 -9.06 6.24 -3.09
CA MET A 48 -10.17 6.84 -2.36
C MET A 48 -9.97 6.75 -0.85
N VAL A 49 -9.47 5.61 -0.41
CA VAL A 49 -9.22 5.41 1.00
C VAL A 49 -8.18 6.41 1.47
N GLU A 50 -7.11 6.55 0.71
CA GLU A 50 -6.05 7.52 1.05
C GLU A 50 -6.53 8.96 1.09
N TYR A 51 -7.52 9.31 0.29
CA TYR A 51 -8.06 10.62 0.30
C TYR A 51 -9.09 10.80 1.41
N GLU A 52 -9.38 9.71 2.13
CA GLU A 52 -10.31 9.74 3.22
C GLU A 52 -11.73 10.09 2.79
N ILE A 53 -12.10 9.64 1.60
CA ILE A 53 -13.45 9.85 1.10
C ILE A 53 -14.38 8.83 1.71
N ASP A 54 -15.59 9.27 2.03
CA ASP A 54 -16.56 8.37 2.58
C ASP A 54 -17.07 7.52 1.46
N LEU A 55 -16.73 6.25 1.54
CA LEU A 55 -16.97 5.37 0.45
C LEU A 55 -18.44 4.87 0.41
N GLN A 56 -19.17 5.00 1.49
CA GLN A 56 -20.56 4.58 1.41
C GLN A 56 -21.40 5.74 0.78
N LYS A 57 -21.02 7.00 1.05
CA LYS A 57 -21.67 8.17 0.46
C LYS A 57 -21.19 8.44 -0.94
N MET A 58 -19.95 8.10 -1.24
CA MET A 58 -19.39 8.47 -2.50
C MET A 58 -18.54 7.31 -3.04
N PRO A 59 -19.21 6.21 -3.42
CA PRO A 59 -18.50 5.06 -4.01
C PRO A 59 -17.91 5.47 -5.31
N LEU A 60 -16.94 4.69 -5.77
CA LEU A 60 -16.39 4.85 -7.10
C LEU A 60 -17.46 5.18 -8.19
N GLY A 61 -18.53 4.43 -8.29
CA GLY A 61 -19.48 4.76 -9.37
C GLY A 61 -20.17 6.14 -9.30
N LYS A 62 -20.04 6.84 -8.19
CA LYS A 62 -20.84 8.02 -7.94
C LYS A 62 -20.05 9.29 -8.29
N LEU A 63 -18.75 9.16 -8.47
CA LEU A 63 -17.94 10.29 -8.92
C LEU A 63 -18.41 10.82 -10.25
N SER A 64 -18.56 12.13 -10.40
CA SER A 64 -18.95 12.69 -11.69
C SER A 64 -18.14 13.96 -12.04
N LYS A 65 -18.09 14.23 -13.33
CA LYS A 65 -17.41 15.42 -13.86
C LYS A 65 -17.98 16.71 -13.31
N ARG A 66 -19.29 16.83 -13.33
CA ARG A 66 -19.98 18.04 -12.87
C ARG A 66 -19.65 18.33 -11.42
N GLN A 67 -19.65 17.29 -10.60
CA GLN A 67 -19.25 17.35 -9.21
C GLN A 67 -17.81 17.87 -9.11
N ILE A 68 -16.92 17.31 -9.91
CA ILE A 68 -15.50 17.64 -9.83
C ILE A 68 -15.25 19.08 -10.29
N GLN A 69 -15.88 19.49 -11.39
CA GLN A 69 -15.85 20.88 -11.82
C GLN A 69 -16.27 21.87 -10.73
N ALA A 70 -17.41 21.60 -10.08
CA ALA A 70 -17.91 22.47 -9.02
C ALA A 70 -16.93 22.53 -7.83
N ALA A 71 -16.29 21.40 -7.54
CA ALA A 71 -15.37 21.37 -6.43
C ALA A 71 -14.10 22.17 -6.77
N TYR A 72 -13.63 22.06 -8.02
CA TYR A 72 -12.54 22.91 -8.48
C TYR A 72 -12.92 24.40 -8.26
N SER A 73 -14.12 24.84 -8.71
CA SER A 73 -14.50 26.23 -8.56
C SER A 73 -14.47 26.64 -7.13
N ILE A 74 -14.95 25.79 -6.23
CA ILE A 74 -14.83 26.10 -4.82
C ILE A 74 -13.40 26.34 -4.39
N LEU A 75 -12.49 25.47 -4.82
CA LEU A 75 -11.10 25.65 -4.48
C LEU A 75 -10.55 27.00 -5.05
N SER A 76 -10.98 27.40 -6.25
CA SER A 76 -10.57 28.73 -6.77
C SER A 76 -11.05 29.85 -5.89
N GLU A 77 -12.26 29.72 -5.37
CA GLU A 77 -12.73 30.77 -4.44
C GLU A 77 -11.92 30.77 -3.14
N VAL A 78 -11.50 29.59 -2.69
CA VAL A 78 -10.64 29.57 -1.51
C VAL A 78 -9.33 30.29 -1.84
N GLN A 79 -8.79 30.01 -3.01
CA GLN A 79 -7.56 30.67 -3.40
C GLN A 79 -7.72 32.20 -3.49
N GLN A 80 -8.81 32.65 -4.07
CA GLN A 80 -9.07 34.11 -4.08
C GLN A 80 -9.22 34.70 -2.68
N ALA A 81 -9.81 33.95 -1.77
CA ALA A 81 -9.94 34.42 -0.39
C ALA A 81 -8.58 34.48 0.29
N VAL A 82 -7.73 33.48 0.04
CA VAL A 82 -6.37 33.51 0.59
C VAL A 82 -5.60 34.72 0.01
N SER A 83 -5.63 34.97 -1.29
CA SER A 83 -4.82 36.12 -1.77
C SER A 83 -5.43 37.48 -1.50
N GLN A 84 -6.75 37.60 -1.56
CA GLN A 84 -7.34 38.93 -1.56
C GLN A 84 -8.03 39.28 -0.26
N GLY A 85 -8.02 38.38 0.73
CA GLY A 85 -8.58 38.65 2.05
C GLY A 85 -9.85 37.85 2.30
N SER A 86 -9.92 37.24 3.47
CA SER A 86 -10.99 36.32 3.85
C SER A 86 -11.60 36.73 5.16
N SER A 87 -12.75 36.14 5.48
CA SER A 87 -13.33 36.09 6.81
C SER A 87 -13.51 34.62 7.23
N ASP A 88 -13.70 34.38 8.52
CA ASP A 88 -13.83 33.02 9.04
C ASP A 88 -15.07 32.34 8.49
N SER A 89 -16.09 33.15 8.38
CA SER A 89 -17.35 32.77 7.88
C SER A 89 -17.25 32.23 6.45
N GLN A 90 -16.61 32.99 5.60
CA GLN A 90 -16.40 32.66 4.24
C GLN A 90 -15.63 31.35 4.10
N ILE A 91 -14.56 31.21 4.87
CA ILE A 91 -13.72 30.05 4.76
C ILE A 91 -14.48 28.78 5.21
N LEU A 92 -15.20 28.87 6.31
CA LEU A 92 -16.00 27.78 6.79
C LEU A 92 -17.05 27.35 5.77
N ASP A 93 -17.67 28.31 5.16
CA ASP A 93 -18.66 28.05 4.12
C ASP A 93 -18.08 27.29 2.93
N LEU A 94 -16.94 27.74 2.46
CA LEU A 94 -16.32 27.14 1.30
C LEU A 94 -15.85 25.71 1.62
N SER A 95 -15.38 25.50 2.84
CA SER A 95 -14.97 24.19 3.27
C SER A 95 -16.19 23.26 3.35
N ASN A 96 -17.30 23.73 3.94
CA ASN A 96 -18.53 22.96 4.02
C ASN A 96 -19.06 22.61 2.64
N ARG A 97 -18.99 23.55 1.71
CA ARG A 97 -19.47 23.29 0.38
C ARG A 97 -18.58 22.26 -0.36
N PHE A 98 -17.26 22.38 -0.18
CA PHE A 98 -16.33 21.44 -0.78
C PHE A 98 -16.60 20.03 -0.29
N TYR A 99 -16.68 19.84 1.02
CA TYR A 99 -16.85 18.51 1.60
C TYR A 99 -18.23 17.93 1.37
N THR A 100 -19.21 18.76 1.03
CA THR A 100 -20.53 18.27 0.61
C THR A 100 -20.39 17.66 -0.79
N LEU A 101 -19.60 18.24 -1.67
CA LEU A 101 -19.39 17.67 -2.99
C LEU A 101 -18.50 16.42 -2.93
N ILE A 102 -17.47 16.45 -2.10
CA ILE A 102 -16.57 15.32 -1.98
C ILE A 102 -16.59 14.82 -0.52
N PRO A 103 -17.56 13.96 -0.15
CA PRO A 103 -17.76 13.68 1.27
C PRO A 103 -16.56 13.03 1.92
N HIS A 104 -16.29 13.50 3.11
CA HIS A 104 -15.21 13.06 3.92
C HIS A 104 -15.68 12.04 4.96
N ASP A 105 -14.86 11.01 5.19
CA ASP A 105 -15.18 9.95 6.15
C ASP A 105 -14.92 10.42 7.57
N PHE A 106 -16.01 10.61 8.32
CA PHE A 106 -15.94 11.01 9.73
C PHE A 106 -15.44 9.91 10.64
N GLY A 107 -15.32 8.70 10.13
CA GLY A 107 -14.68 7.66 10.87
C GLY A 107 -13.18 7.91 10.91
N MET A 108 -12.68 8.74 10.00
CA MET A 108 -11.27 9.00 9.92
C MET A 108 -11.05 10.30 10.64
N LYS A 109 -9.82 10.78 10.62
CA LYS A 109 -9.47 12.00 11.35
C LYS A 109 -10.13 13.21 10.68
N LYS A 110 -10.56 14.18 11.49
CA LYS A 110 -11.06 15.50 11.04
C LYS A 110 -10.42 16.00 9.74
N PRO A 111 -11.24 16.46 8.78
CA PRO A 111 -10.67 16.98 7.55
C PRO A 111 -10.10 18.40 7.74
N PRO A 112 -9.08 18.76 6.93
CA PRO A 112 -8.50 20.12 6.99
C PRO A 112 -9.51 21.20 6.59
N LEU A 113 -9.57 22.26 7.39
CA LEU A 113 -10.19 23.51 6.99
C LEU A 113 -9.44 24.04 5.77
N LEU A 114 -10.16 24.45 4.72
CA LEU A 114 -9.45 24.89 3.49
C LEU A 114 -9.11 26.39 3.59
N ASN A 115 -7.99 26.71 4.21
CA ASN A 115 -7.66 28.12 4.48
C ASN A 115 -6.21 28.44 4.20
N ASN A 116 -5.55 27.60 3.40
CA ASN A 116 -4.16 27.78 3.16
C ASN A 116 -3.81 27.15 1.86
N ALA A 117 -2.67 27.58 1.31
CA ALA A 117 -2.26 27.18 -0.05
C ALA A 117 -1.93 25.70 -0.16
N ASP A 118 -1.31 25.15 0.88
CA ASP A 118 -0.96 23.72 0.82
C ASP A 118 -2.23 22.88 0.71
N SER A 119 -3.24 23.13 1.56
CA SER A 119 -4.47 22.37 1.53
C SER A 119 -5.17 22.56 0.19
N VAL A 120 -5.18 23.78 -0.32
CA VAL A 120 -5.83 24.03 -1.57
C VAL A 120 -5.18 23.20 -2.66
N GLN A 121 -3.87 23.21 -2.65
CA GLN A 121 -3.12 22.52 -3.68
C GLN A 121 -3.23 21.00 -3.52
N ALA A 122 -3.21 20.49 -2.28
CA ALA A 122 -3.43 19.03 -2.11
C ALA A 122 -4.83 18.58 -2.60
N LYS A 123 -5.86 19.38 -2.32
CA LYS A 123 -7.20 19.07 -2.81
C LYS A 123 -7.34 19.18 -4.32
N ALA A 124 -6.69 20.16 -4.93
CA ALA A 124 -6.73 20.29 -6.38
C ALA A 124 -6.08 19.07 -7.04
N GLU A 125 -4.97 18.62 -6.45
CA GLU A 125 -4.29 17.42 -6.98
C GLU A 125 -5.14 16.17 -6.77
N MET A 126 -5.83 16.08 -5.64
CA MET A 126 -6.84 15.04 -5.48
C MET A 126 -7.86 15.09 -6.61
N LEU A 127 -8.41 16.26 -6.91
CA LEU A 127 -9.46 16.35 -7.90
C LEU A 127 -8.90 15.92 -9.26
N ASP A 128 -7.67 16.29 -9.58
CA ASP A 128 -7.10 15.86 -10.89
C ASP A 128 -7.12 14.31 -11.00
N ASN A 129 -6.70 13.66 -9.93
CA ASN A 129 -6.61 12.19 -9.88
C ASN A 129 -7.98 11.56 -9.91
N LEU A 130 -8.92 12.15 -9.17
CA LEU A 130 -10.29 11.60 -9.11
C LEU A 130 -10.98 11.70 -10.46
N LEU A 131 -10.72 12.79 -11.18
CA LEU A 131 -11.32 12.95 -12.50
C LEU A 131 -10.89 11.79 -13.46
N ASP A 132 -9.60 11.51 -13.50
CA ASP A 132 -9.14 10.37 -14.28
C ASP A 132 -9.61 9.02 -13.74
N ILE A 133 -9.75 8.88 -12.44
CA ILE A 133 -10.35 7.68 -11.88
C ILE A 133 -11.80 7.57 -12.36
N GLU A 134 -12.54 8.65 -12.31
CA GLU A 134 -13.95 8.61 -12.77
C GLU A 134 -14.00 8.21 -14.23
N VAL A 135 -13.10 8.77 -15.03
CA VAL A 135 -13.04 8.39 -16.42
C VAL A 135 -12.77 6.89 -16.54
N ALA A 136 -11.75 6.40 -15.85
CA ALA A 136 -11.43 4.99 -15.95
C ALA A 136 -12.67 4.18 -15.58
N TYR A 137 -13.31 4.55 -14.47
CA TYR A 137 -14.36 3.72 -13.95
C TYR A 137 -15.57 3.70 -14.89
N SER A 138 -15.89 4.84 -15.50
CA SER A 138 -17.06 4.88 -16.36
C SER A 138 -16.79 4.10 -17.62
N LEU A 139 -15.56 4.16 -18.12
CA LEU A 139 -15.23 3.33 -19.29
C LEU A 139 -15.45 1.86 -18.91
N LEU A 140 -14.97 1.51 -17.74
CA LEU A 140 -14.98 0.16 -17.28
C LEU A 140 -16.38 -0.41 -17.08
N ARG A 141 -17.30 0.39 -16.57
CA ARG A 141 -18.66 -0.08 -16.33
C ARG A 141 -19.56 0.11 -17.54
N GLY A 142 -19.14 0.95 -18.48
CA GLY A 142 -19.96 1.22 -19.63
C GLY A 142 -19.86 0.04 -20.58
N GLY A 143 -20.25 0.26 -21.82
CA GLY A 143 -20.16 -0.75 -22.86
C GLY A 143 -21.25 -1.81 -22.75
N SER A 144 -21.23 -2.76 -23.68
CA SER A 144 -22.02 -3.98 -23.56
C SER A 144 -21.30 -4.91 -22.59
N ASP A 145 -21.83 -5.03 -21.36
CA ASP A 145 -21.33 -5.99 -20.39
C ASP A 145 -22.00 -7.35 -20.68
N ASP A 146 -21.74 -7.87 -21.88
CA ASP A 146 -22.04 -9.24 -22.26
C ASP A 146 -20.71 -9.97 -22.54
N SER A 147 -20.69 -11.29 -22.32
CA SER A 147 -19.51 -12.11 -22.62
C SER A 147 -19.29 -12.43 -24.11
N SER A 148 -19.71 -11.55 -25.02
CA SER A 148 -19.40 -11.72 -26.45
C SER A 148 -17.88 -11.70 -26.72
N LYS A 149 -17.08 -11.23 -25.74
CA LYS A 149 -15.62 -11.09 -25.85
C LYS A 149 -14.90 -10.91 -24.48
N ASP A 150 -13.58 -11.11 -24.47
CA ASP A 150 -12.76 -11.03 -23.26
C ASP A 150 -12.83 -9.62 -22.61
N PRO A 151 -12.96 -9.55 -21.27
CA PRO A 151 -12.99 -8.24 -20.62
C PRO A 151 -11.78 -7.38 -20.93
N ILE A 152 -10.60 -8.00 -20.95
CA ILE A 152 -9.37 -7.30 -21.27
C ILE A 152 -9.43 -6.62 -22.64
N ASP A 153 -9.88 -7.34 -23.66
CA ASP A 153 -9.95 -6.78 -25.00
C ASP A 153 -11.01 -5.69 -25.08
N VAL A 154 -12.14 -5.88 -24.43
CA VAL A 154 -13.18 -4.85 -24.42
C VAL A 154 -12.62 -3.53 -23.81
N ASN A 155 -11.92 -3.64 -22.68
CA ASN A 155 -11.37 -2.44 -22.03
C ASN A 155 -10.26 -1.82 -22.82
N TYR A 156 -9.43 -2.66 -23.45
CA TYR A 156 -8.47 -2.16 -24.41
C TYR A 156 -9.12 -1.26 -25.46
N GLU A 157 -10.16 -1.78 -26.12
CA GLU A 157 -10.86 -1.05 -27.21
C GLU A 157 -11.35 0.33 -26.75
N LYS A 158 -11.90 0.36 -25.55
CA LYS A 158 -12.37 1.62 -24.96
C LYS A 158 -11.32 2.72 -24.84
N LEU A 159 -10.03 2.37 -24.83
CA LEU A 159 -9.00 3.39 -24.82
C LEU A 159 -8.85 4.13 -26.17
N LYS A 160 -9.41 3.57 -27.25
CA LYS A 160 -9.29 4.20 -28.57
C LYS A 160 -7.84 4.57 -28.82
N THR A 161 -6.95 3.65 -28.44
CA THR A 161 -5.52 3.83 -28.58
C THR A 161 -4.89 2.52 -29.04
N ASP A 162 -4.12 2.59 -30.12
CA ASP A 162 -3.35 1.43 -30.52
C ASP A 162 -2.13 1.32 -29.62
N ILE A 163 -1.91 0.16 -29.03
CA ILE A 163 -0.75 -0.10 -28.20
C ILE A 163 -0.01 -1.34 -28.64
N LYS A 164 1.25 -1.17 -29.03
CA LYS A 164 2.10 -2.32 -29.45
C LYS A 164 3.37 -2.36 -28.60
N VAL A 165 3.87 -3.55 -28.36
CA VAL A 165 5.14 -3.72 -27.70
C VAL A 165 6.29 -3.35 -28.69
N VAL A 166 7.26 -2.54 -28.26
CA VAL A 166 8.41 -2.20 -29.11
C VAL A 166 9.44 -3.28 -28.92
N ASP A 167 9.93 -3.86 -30.01
CA ASP A 167 10.89 -4.96 -29.91
C ASP A 167 12.17 -4.47 -29.26
N ARG A 168 12.69 -5.28 -28.35
CA ARG A 168 13.70 -4.85 -27.40
C ARG A 168 15.04 -4.60 -28.08
N ASP A 169 15.22 -5.22 -29.26
CA ASP A 169 16.43 -5.10 -30.02
C ASP A 169 16.28 -4.12 -31.20
N SER A 170 15.14 -3.44 -31.29
CA SER A 170 14.93 -2.47 -32.35
C SER A 170 15.70 -1.19 -32.04
N GLU A 171 15.87 -0.36 -33.05
CA GLU A 171 16.52 0.93 -32.88
C GLU A 171 15.83 1.81 -31.84
N GLU A 172 14.51 1.88 -31.93
CA GLU A 172 13.72 2.69 -31.03
C GLU A 172 14.02 2.32 -29.60
N ALA A 173 14.01 1.02 -29.31
CA ALA A 173 14.23 0.53 -27.96
C ALA A 173 15.63 0.90 -27.46
N GLU A 174 16.62 0.80 -28.33
CA GLU A 174 17.98 1.16 -27.91
C GLU A 174 18.09 2.65 -27.61
N ILE A 175 17.47 3.47 -28.45
CA ILE A 175 17.42 4.91 -28.23
C ILE A 175 16.70 5.20 -26.89
N ILE A 176 15.54 4.58 -26.70
CA ILE A 176 14.73 4.86 -25.53
C ILE A 176 15.46 4.47 -24.26
N ARG A 177 16.04 3.26 -24.24
CA ARG A 177 16.76 2.81 -23.03
C ARG A 177 17.93 3.72 -22.75
N LYS A 178 18.55 4.24 -23.80
CA LYS A 178 19.65 5.16 -23.64
C LYS A 178 19.20 6.50 -23.00
N TYR A 179 18.07 7.00 -23.46
CA TYR A 179 17.47 8.22 -22.90
C TYR A 179 17.20 8.06 -21.41
N VAL A 180 16.74 6.88 -21.01
CA VAL A 180 16.46 6.57 -19.60
C VAL A 180 17.74 6.45 -18.79
N LYS A 181 18.70 5.68 -19.32
CA LYS A 181 19.91 5.39 -18.58
C LYS A 181 20.69 6.66 -18.33
N ASN A 182 20.79 7.50 -19.36
CA ASN A 182 21.57 8.73 -19.29
C ASN A 182 20.92 9.79 -18.40
N THR A 183 19.61 10.00 -18.57
CA THR A 183 18.90 11.05 -17.83
C THR A 183 18.34 10.62 -16.47
N HIS A 184 18.87 9.51 -15.94
CA HIS A 184 18.58 9.12 -14.56
C HIS A 184 19.85 9.33 -13.72
N ALA A 185 19.68 9.92 -12.53
CA ALA A 185 20.79 10.52 -11.76
C ALA A 185 21.06 9.85 -10.41
N THR A 186 22.15 10.30 -9.77
CA THR A 186 22.52 9.95 -8.38
C THR A 186 22.04 11.02 -7.37
N THR A 187 21.30 12.01 -7.87
CA THR A 187 20.66 13.02 -7.03
C THR A 187 19.42 12.43 -6.38
N HIS A 188 18.38 12.20 -7.18
CA HIS A 188 17.14 11.54 -6.70
C HIS A 188 17.41 10.05 -6.58
N ASN A 189 18.37 9.72 -5.70
CA ASN A 189 18.89 8.37 -5.54
C ASN A 189 18.06 7.58 -4.53
N ALA A 190 16.79 7.96 -4.40
CA ALA A 190 15.83 7.17 -3.64
C ALA A 190 15.64 5.82 -4.35
N TYR A 191 15.64 5.86 -5.68
CA TYR A 191 15.48 4.67 -6.53
C TYR A 191 16.34 4.73 -7.80
N ASP A 192 16.66 3.56 -8.34
CA ASP A 192 17.07 3.44 -9.74
C ASP A 192 15.91 2.90 -10.56
N LEU A 193 15.92 3.21 -11.86
CA LEU A 193 14.85 2.81 -12.76
C LEU A 193 15.25 1.68 -13.66
N GLU A 194 14.35 0.74 -13.87
CA GLU A 194 14.55 -0.34 -14.80
C GLU A 194 13.39 -0.38 -15.76
N VAL A 195 13.64 -0.41 -17.06
CA VAL A 195 12.59 -0.48 -18.05
C VAL A 195 12.10 -1.90 -18.11
N ILE A 196 10.80 -2.10 -17.93
CA ILE A 196 10.20 -3.44 -18.03
C ILE A 196 9.64 -3.66 -19.44
N ASP A 197 8.91 -2.69 -19.97
CA ASP A 197 8.28 -2.81 -21.26
C ASP A 197 8.22 -1.42 -21.88
N ILE A 198 8.34 -1.37 -23.19
CA ILE A 198 8.19 -0.16 -23.97
C ILE A 198 7.08 -0.38 -24.97
N PHE A 199 6.07 0.49 -24.93
CA PHE A 199 4.92 0.38 -25.79
C PHE A 199 4.90 1.56 -26.74
N LYS A 200 4.52 1.29 -27.97
CA LYS A 200 4.30 2.31 -28.96
C LYS A 200 2.82 2.56 -28.92
N ILE A 201 2.42 3.82 -28.79
CA ILE A 201 1.02 4.13 -28.70
C ILE A 201 0.61 5.15 -29.73
N GLU A 202 -0.61 5.02 -30.22
CA GLU A 202 -1.18 6.01 -31.08
C GLU A 202 -2.68 6.16 -30.70
N ARG A 203 -2.98 7.33 -30.12
CA ARG A 203 -4.33 7.71 -29.80
C ARG A 203 -5.08 8.07 -31.09
N GLU A 204 -6.26 7.50 -31.26
CA GLU A 204 -7.17 7.84 -32.37
C GLU A 204 -7.33 9.36 -32.50
N GLY A 205 -7.19 9.90 -33.71
CA GLY A 205 -7.41 11.33 -33.96
C GLY A 205 -6.26 12.27 -33.61
N GLU A 206 -5.33 11.84 -32.76
CA GLU A 206 -4.30 12.75 -32.27
C GLU A 206 -3.33 13.19 -33.37
N CYS A 207 -2.96 12.27 -34.26
CA CYS A 207 -1.99 12.63 -35.32
C CYS A 207 -2.55 13.77 -36.22
N GLN A 208 -3.85 13.73 -36.48
CA GLN A 208 -4.51 14.75 -37.31
C GLN A 208 -4.55 16.09 -36.58
N ARG A 209 -4.97 16.06 -35.31
CA ARG A 209 -4.97 17.23 -34.44
C ARG A 209 -3.57 17.87 -34.34
N TYR A 210 -2.55 17.02 -34.31
CA TYR A 210 -1.18 17.49 -34.17
C TYR A 210 -0.63 18.15 -35.44
N LYS A 211 -1.07 17.69 -36.61
CA LYS A 211 -0.46 18.06 -37.91
C LYS A 211 -0.07 19.54 -38.04
N PRO A 212 -1.07 20.47 -37.98
CA PRO A 212 -0.72 21.90 -38.12
C PRO A 212 0.45 22.36 -37.26
N PHE A 213 0.59 21.81 -36.06
CA PHE A 213 1.65 22.22 -35.14
C PHE A 213 2.99 21.57 -35.48
N LYS A 214 2.94 20.51 -36.29
CA LYS A 214 4.16 19.90 -36.79
C LYS A 214 4.95 20.93 -37.60
N GLN A 215 4.27 21.94 -38.14
CA GLN A 215 4.92 22.99 -38.93
C GLN A 215 5.89 23.83 -38.11
N LEU A 216 5.58 24.04 -36.83
CA LEU A 216 6.49 24.76 -35.94
C LEU A 216 7.83 24.02 -35.85
N HIS A 217 8.90 24.75 -35.62
CA HIS A 217 10.22 24.16 -35.44
C HIS A 217 10.33 23.77 -33.97
N ASN A 218 11.49 23.23 -33.59
CA ASN A 218 11.78 22.86 -32.22
C ASN A 218 10.78 21.84 -31.69
N ARG A 219 10.68 20.74 -32.39
CA ARG A 219 9.88 19.63 -31.96
C ARG A 219 10.75 18.67 -31.16
N ARG A 220 10.33 18.36 -29.92
CA ARG A 220 11.14 17.54 -29.02
C ARG A 220 10.36 16.36 -28.41
N LEU A 221 11.11 15.31 -28.12
CA LEU A 221 10.58 14.09 -27.53
C LEU A 221 10.93 14.16 -26.05
N LEU A 222 9.88 14.24 -25.23
CA LEU A 222 10.03 14.60 -23.83
C LEU A 222 9.17 13.69 -22.96
N TRP A 223 9.57 13.59 -21.70
CA TRP A 223 8.95 12.73 -20.71
C TRP A 223 7.74 13.41 -20.07
N HIS A 224 6.77 12.61 -19.66
CA HIS A 224 5.63 13.06 -18.89
C HIS A 224 5.17 11.91 -18.00
N GLY A 225 5.45 12.04 -16.71
CA GLY A 225 5.04 11.09 -15.72
C GLY A 225 3.69 11.44 -15.10
N SER A 226 3.02 10.41 -14.58
CA SER A 226 1.74 10.59 -13.89
C SER A 226 1.43 9.31 -13.10
N ARG A 227 0.49 9.42 -12.19
CA ARG A 227 0.06 8.25 -11.43
C ARG A 227 -0.57 7.22 -12.34
N THR A 228 -0.36 5.98 -11.96
CA THR A 228 -0.88 4.87 -12.74
C THR A 228 -2.39 4.91 -12.89
N THR A 229 -3.09 5.29 -11.84
CA THR A 229 -4.55 5.39 -11.88
C THR A 229 -5.08 6.51 -12.78
N ASN A 230 -4.19 7.29 -13.37
CA ASN A 230 -4.60 8.33 -14.34
C ASN A 230 -4.50 7.87 -15.81
N PHE A 231 -3.84 6.74 -16.08
CA PHE A 231 -3.53 6.45 -17.47
C PHE A 231 -4.68 6.05 -18.36
N ALA A 232 -5.72 5.46 -17.79
CA ALA A 232 -6.90 5.21 -18.61
C ALA A 232 -7.45 6.52 -19.17
N GLY A 233 -7.50 7.54 -18.32
CA GLY A 233 -8.00 8.85 -18.75
C GLY A 233 -7.05 9.50 -19.72
N ILE A 234 -5.75 9.39 -19.44
CA ILE A 234 -4.75 9.95 -20.32
C ILE A 234 -4.85 9.35 -21.73
N LEU A 235 -4.95 8.01 -21.83
CA LEU A 235 -5.01 7.37 -23.16
C LEU A 235 -6.33 7.64 -23.85
N SER A 236 -7.46 7.57 -23.16
CA SER A 236 -8.72 7.82 -23.86
C SER A 236 -8.87 9.28 -24.32
N GLN A 237 -8.39 10.23 -23.53
CA GLN A 237 -8.65 11.64 -23.80
C GLN A 237 -7.41 12.46 -24.15
N GLY A 238 -6.22 11.91 -23.95
CA GLY A 238 -4.99 12.63 -24.18
C GLY A 238 -4.63 13.53 -23.01
N LEU A 239 -3.44 14.09 -23.05
CA LEU A 239 -3.02 15.01 -22.04
C LEU A 239 -3.85 16.29 -22.17
N ARG A 240 -4.28 16.81 -21.02
CA ARG A 240 -5.12 17.99 -20.94
C ARG A 240 -4.52 19.09 -20.12
N ILE A 241 -5.06 20.28 -20.28
CA ILE A 241 -4.72 21.46 -19.50
C ILE A 241 -5.74 21.51 -18.43
N ALA A 242 -5.29 21.82 -17.23
CA ALA A 242 -6.20 21.94 -16.12
C ALA A 242 -7.30 22.90 -16.55
N PRO A 243 -8.55 22.62 -16.15
CA PRO A 243 -9.64 23.53 -16.56
C PRO A 243 -9.62 24.93 -15.91
N PRO A 244 -10.36 25.88 -16.50
CA PRO A 244 -10.49 27.22 -16.00
C PRO A 244 -10.94 27.27 -14.54
N GLU A 245 -11.83 26.37 -14.15
CA GLU A 245 -12.31 26.32 -12.79
C GLU A 245 -11.19 25.99 -11.76
N ALA A 246 -10.12 25.36 -12.19
CA ALA A 246 -9.09 24.89 -11.27
C ALA A 246 -8.29 26.06 -10.71
N PRO A 247 -7.93 25.99 -9.44
CA PRO A 247 -7.10 27.04 -8.89
C PRO A 247 -5.75 27.18 -9.60
N VAL A 248 -5.18 28.37 -9.54
CA VAL A 248 -3.83 28.54 -10.13
C VAL A 248 -2.68 28.12 -9.17
N THR A 249 -2.96 28.13 -7.89
CA THR A 249 -2.00 27.72 -6.87
C THR A 249 -1.12 26.55 -7.28
N GLY A 250 0.17 26.79 -7.27
CA GLY A 250 1.12 25.70 -7.38
C GLY A 250 1.53 25.39 -8.78
N TYR A 251 0.91 26.05 -9.76
CA TYR A 251 1.34 25.95 -11.16
C TYR A 251 2.49 26.93 -11.40
N MET A 252 3.72 26.45 -11.27
CA MET A 252 4.90 27.27 -11.51
C MET A 252 4.89 28.12 -12.78
N PHE A 253 4.40 27.56 -13.89
CA PHE A 253 4.31 28.31 -15.14
C PHE A 253 2.91 28.27 -15.68
N GLY A 254 1.95 28.26 -14.76
CA GLY A 254 0.56 28.35 -15.13
C GLY A 254 0.01 27.03 -15.66
N LYS A 255 -1.22 27.12 -16.16
CA LYS A 255 -1.99 25.95 -16.53
C LYS A 255 -1.61 25.60 -17.94
N GLY A 256 -0.72 24.61 -18.05
CA GLY A 256 -0.38 24.03 -19.30
C GLY A 256 0.01 22.56 -19.10
N ILE A 257 0.60 21.97 -20.15
CA ILE A 257 1.04 20.60 -20.11
C ILE A 257 2.54 20.57 -19.91
N TYR A 258 3.00 19.94 -18.82
CA TYR A 258 4.37 19.98 -18.40
C TYR A 258 5.10 18.70 -18.79
N PHE A 259 6.34 18.88 -19.28
CA PHE A 259 7.24 17.81 -19.70
C PHE A 259 8.64 18.07 -19.17
N ALA A 260 9.39 17.00 -19.01
CA ALA A 260 10.81 17.07 -18.64
C ALA A 260 11.67 16.54 -19.77
N ASP A 261 12.96 16.90 -19.77
CA ASP A 261 13.93 16.28 -20.67
C ASP A 261 14.83 15.33 -19.88
N MET A 262 14.52 15.10 -18.61
CA MET A 262 15.24 14.09 -17.83
C MET A 262 14.26 13.16 -17.14
N VAL A 263 14.40 11.87 -17.41
CA VAL A 263 13.46 10.90 -16.91
C VAL A 263 13.32 10.98 -15.39
N SER A 264 14.40 11.27 -14.68
CA SER A 264 14.38 11.47 -13.22
C SER A 264 13.34 12.45 -12.73
N LYS A 265 13.20 13.56 -13.43
CA LYS A 265 12.21 14.59 -13.10
C LYS A 265 10.78 14.08 -13.29
N SER A 266 10.47 13.57 -14.48
CA SER A 266 9.12 13.06 -14.75
C SER A 266 8.73 11.91 -13.85
N ALA A 267 9.71 11.08 -13.51
CA ALA A 267 9.43 9.89 -12.74
C ALA A 267 8.89 10.24 -11.34
N ASN A 268 9.24 11.40 -10.82
CA ASN A 268 8.69 11.86 -9.53
C ASN A 268 7.17 11.99 -9.59
N TYR A 269 6.66 12.37 -10.74
CA TYR A 269 5.22 12.58 -10.91
C TYR A 269 4.44 11.28 -11.10
N CYS A 270 5.14 10.15 -11.06
CA CYS A 270 4.49 8.84 -10.99
C CYS A 270 4.00 8.59 -9.56
N HIS A 271 4.59 9.28 -8.59
CA HIS A 271 4.23 9.13 -7.19
C HIS A 271 4.22 7.65 -6.84
N THR A 272 5.26 6.92 -7.25
CA THR A 272 5.34 5.50 -6.93
C THR A 272 5.92 5.38 -5.57
N SER A 273 5.66 4.25 -4.94
CA SER A 273 6.10 4.03 -3.58
C SER A 273 6.69 2.66 -3.50
N GLN A 274 7.43 2.46 -2.43
CA GLN A 274 7.96 1.16 -2.13
C GLN A 274 6.87 0.10 -2.16
N GLY A 275 5.66 0.47 -1.73
CA GLY A 275 4.51 -0.44 -1.76
C GLY A 275 4.16 -0.92 -3.15
N ASP A 276 4.01 0.01 -4.10
CA ASP A 276 3.83 -0.36 -5.50
C ASP A 276 4.91 0.33 -6.33
N PRO A 277 5.98 -0.41 -6.64
CA PRO A 277 7.14 0.23 -7.22
C PRO A 277 7.19 0.20 -8.74
N ILE A 278 6.07 0.14 -9.44
CA ILE A 278 6.13 0.27 -10.86
C ILE A 278 5.27 1.45 -11.27
N GLY A 279 5.77 2.20 -12.23
CA GLY A 279 5.10 3.37 -12.73
C GLY A 279 5.13 3.39 -14.24
N LEU A 280 4.36 4.33 -14.78
CA LEU A 280 4.19 4.53 -16.19
C LEU A 280 4.57 5.94 -16.52
N ILE A 281 5.32 6.09 -17.60
CA ILE A 281 5.76 7.40 -18.06
C ILE A 281 5.60 7.44 -19.56
N LEU A 282 5.20 8.59 -20.08
CA LEU A 282 5.07 8.78 -21.50
C LEU A 282 6.30 9.42 -22.07
N LEU A 283 6.49 9.17 -23.37
CA LEU A 283 7.34 10.00 -24.22
C LEU A 283 6.37 10.63 -25.22
N GLY A 284 6.36 11.95 -25.27
CA GLY A 284 5.53 12.65 -26.26
C GLY A 284 6.36 13.54 -27.17
N GLU A 285 5.90 13.70 -28.39
CA GLU A 285 6.49 14.62 -29.31
C GLU A 285 5.74 15.90 -29.08
N VAL A 286 6.48 16.94 -28.73
CA VAL A 286 5.91 18.22 -28.35
C VAL A 286 6.44 19.30 -29.30
N ALA A 287 5.52 20.01 -29.95
CA ALA A 287 5.91 21.12 -30.83
C ALA A 287 6.11 22.39 -30.01
N LEU A 288 7.35 22.63 -29.60
CA LEU A 288 7.67 23.76 -28.72
C LEU A 288 7.65 25.13 -29.43
N GLY A 289 8.12 25.18 -30.67
CA GLY A 289 8.31 26.46 -31.36
C GLY A 289 9.32 27.31 -30.60
N ASN A 290 9.18 28.62 -30.65
CA ASN A 290 10.06 29.50 -29.90
C ASN A 290 9.72 29.46 -28.41
N MET A 291 10.74 29.25 -27.60
CA MET A 291 10.59 29.04 -26.17
C MET A 291 10.85 30.29 -25.34
N TYR A 292 9.88 30.66 -24.53
CA TYR A 292 10.05 31.70 -23.52
C TYR A 292 10.75 31.07 -22.32
N GLU A 293 12.01 31.45 -22.13
CA GLU A 293 12.88 30.77 -21.19
C GLU A 293 12.85 31.51 -19.86
N LEU A 294 12.64 30.79 -18.76
CA LEU A 294 12.52 31.43 -17.45
C LEU A 294 13.28 30.71 -16.34
N LYS A 295 13.64 31.45 -15.29
CA LYS A 295 14.41 30.93 -14.15
C LYS A 295 13.61 30.81 -12.85
N HIS A 296 12.37 31.31 -12.85
CA HIS A 296 11.50 31.22 -11.67
C HIS A 296 10.02 31.25 -12.05
N ALA A 297 9.18 30.96 -11.08
CA ALA A 297 7.75 30.86 -11.29
C ALA A 297 7.17 32.11 -11.92
N SER A 298 6.08 31.95 -12.64
CA SER A 298 5.42 33.09 -13.27
C SER A 298 4.13 32.60 -13.88
N HIS A 299 3.01 32.84 -13.22
CA HIS A 299 1.74 32.27 -13.72
C HIS A 299 1.38 32.96 -15.04
N ILE A 300 1.13 32.13 -16.06
CA ILE A 300 1.04 32.58 -17.44
C ILE A 300 -0.43 32.63 -17.91
N SER A 301 -0.92 33.82 -18.18
CA SER A 301 -2.15 33.99 -18.94
C SER A 301 -1.69 33.99 -20.41
N LYS A 302 -1.38 35.17 -20.94
CA LYS A 302 -0.89 35.32 -22.31
C LYS A 302 0.61 34.99 -22.43
N LEU A 303 1.02 34.62 -23.63
CA LEU A 303 2.45 34.44 -23.97
C LEU A 303 2.96 35.59 -24.85
N PRO A 304 4.26 35.96 -24.74
CA PRO A 304 4.77 36.98 -25.67
C PRO A 304 4.67 36.51 -27.11
N LYS A 305 4.43 37.43 -28.02
CA LYS A 305 4.34 37.09 -29.43
C LYS A 305 5.69 36.56 -29.92
N GLY A 306 5.61 35.61 -30.85
CA GLY A 306 6.80 34.89 -31.29
C GLY A 306 7.02 33.60 -30.52
N LYS A 307 6.49 33.51 -29.29
CA LYS A 307 6.68 32.32 -28.44
C LYS A 307 5.48 31.40 -28.48
N HIS A 308 5.72 30.09 -28.45
CA HIS A 308 4.65 29.08 -28.45
C HIS A 308 4.74 28.09 -27.29
N SER A 309 5.59 28.38 -26.32
CA SER A 309 5.84 27.48 -25.18
C SER A 309 6.69 28.16 -24.13
N VAL A 310 6.84 27.54 -22.98
CA VAL A 310 7.76 28.05 -21.95
C VAL A 310 8.81 26.99 -21.65
N LYS A 311 10.02 27.44 -21.34
CA LYS A 311 11.04 26.55 -20.82
C LYS A 311 11.62 27.06 -19.52
N GLY A 312 11.44 26.26 -18.48
CA GLY A 312 11.96 26.59 -17.16
C GLY A 312 13.38 26.07 -17.12
N LEU A 313 14.36 26.94 -16.93
CA LEU A 313 15.76 26.54 -16.98
C LEU A 313 16.24 25.95 -15.65
N GLY A 314 16.78 24.74 -15.69
CA GLY A 314 17.32 24.08 -14.48
C GLY A 314 18.85 24.15 -14.34
N LYS A 315 19.33 23.77 -13.16
CA LYS A 315 20.77 23.71 -12.87
C LYS A 315 21.46 22.57 -13.63
N THR A 316 20.68 21.58 -14.05
CA THR A 316 21.19 20.40 -14.77
C THR A 316 20.45 20.19 -16.11
N THR A 317 21.19 19.90 -17.17
CA THR A 317 20.60 19.73 -18.48
C THR A 317 21.27 18.55 -19.21
N PRO A 318 20.50 17.84 -20.07
CA PRO A 318 21.16 16.82 -20.89
C PRO A 318 22.19 17.45 -21.83
N ASP A 319 23.35 16.82 -21.91
CA ASP A 319 24.46 17.32 -22.72
C ASP A 319 24.03 17.55 -24.18
N PRO A 320 23.94 18.84 -24.59
CA PRO A 320 23.40 19.13 -25.93
C PRO A 320 24.24 18.59 -27.08
N SER A 321 25.54 18.38 -26.85
CA SER A 321 26.41 17.79 -27.86
C SER A 321 26.22 16.26 -28.01
N ALA A 322 25.55 15.62 -27.04
CA ALA A 322 25.19 14.20 -27.14
C ALA A 322 23.73 13.98 -27.61
N ASN A 323 23.10 15.04 -28.11
CA ASN A 323 21.74 14.98 -28.65
C ASN A 323 21.65 14.35 -30.03
N ILE A 324 20.48 13.78 -30.29
CA ILE A 324 20.22 12.97 -31.48
C ILE A 324 18.93 13.49 -32.12
N SER A 325 18.72 13.12 -33.38
CA SER A 325 17.45 13.33 -34.06
C SER A 325 16.74 11.99 -34.36
N LEU A 326 15.44 12.08 -34.58
CA LEU A 326 14.63 10.96 -34.99
C LEU A 326 14.04 11.36 -36.34
N ASP A 327 12.75 11.74 -36.38
CA ASP A 327 12.09 12.14 -37.63
C ASP A 327 12.34 13.61 -37.91
N GLY A 328 13.50 14.13 -37.54
CA GLY A 328 13.63 15.57 -37.26
C GLY A 328 12.93 15.86 -35.94
N VAL A 329 12.97 14.90 -35.03
CA VAL A 329 12.51 15.10 -33.67
C VAL A 329 13.71 15.00 -32.75
N ASP A 330 14.07 16.12 -32.12
CA ASP A 330 15.19 16.19 -31.18
C ASP A 330 14.95 15.30 -29.96
N VAL A 331 15.94 14.44 -29.70
CA VAL A 331 15.92 13.58 -28.55
C VAL A 331 17.11 13.95 -27.67
N PRO A 332 16.86 14.71 -26.60
CA PRO A 332 17.93 15.21 -25.76
C PRO A 332 18.45 14.17 -24.78
N LEU A 333 19.10 13.12 -25.27
CA LEU A 333 19.43 11.98 -24.40
C LEU A 333 20.82 12.01 -23.81
N GLY A 334 21.54 13.10 -24.04
CA GLY A 334 22.82 13.29 -23.38
C GLY A 334 22.76 13.08 -21.87
N THR A 335 23.88 12.64 -21.31
CA THR A 335 24.06 12.57 -19.86
C THR A 335 23.99 13.97 -19.22
N GLY A 336 23.54 14.01 -17.96
CA GLY A 336 23.20 15.27 -17.30
C GLY A 336 24.43 16.05 -16.93
N ILE A 337 24.51 17.29 -17.42
CA ILE A 337 25.62 18.17 -17.07
C ILE A 337 25.06 19.43 -16.40
N SER A 338 25.92 20.12 -15.66
CA SER A 338 25.55 21.39 -15.05
C SER A 338 25.25 22.36 -16.18
N SER A 339 24.13 23.07 -16.08
CA SER A 339 23.66 23.88 -17.19
C SER A 339 24.46 25.18 -17.25
N GLY A 340 25.21 25.46 -16.18
CA GLY A 340 25.90 26.75 -16.03
C GLY A 340 24.92 27.84 -15.64
N VAL A 341 23.65 27.48 -15.41
CA VAL A 341 22.59 28.48 -15.36
C VAL A 341 22.59 29.23 -14.03
N ASN A 342 22.75 30.55 -14.16
CA ASN A 342 22.78 31.51 -13.08
C ASN A 342 21.42 31.84 -12.48
N ASP A 343 21.31 31.73 -11.16
CA ASP A 343 20.16 32.16 -10.39
C ASP A 343 18.85 31.50 -10.81
N THR A 344 18.75 30.20 -10.65
CA THR A 344 17.49 29.51 -10.88
C THR A 344 17.21 28.64 -9.70
N SER A 345 15.94 28.54 -9.36
CA SER A 345 15.47 27.65 -8.30
C SER A 345 15.28 26.20 -8.83
N LEU A 346 15.06 26.03 -10.12
CA LEU A 346 14.82 24.69 -10.69
C LEU A 346 16.07 23.81 -10.74
N LEU A 347 15.96 22.61 -10.20
CA LEU A 347 16.97 21.60 -10.38
C LEU A 347 17.07 21.13 -11.84
N TYR A 348 15.92 21.00 -12.51
CA TYR A 348 15.87 20.48 -13.87
C TYR A 348 15.07 21.35 -14.82
N ASN A 349 15.31 21.19 -16.13
CA ASN A 349 14.51 21.87 -17.14
C ASN A 349 13.08 21.40 -17.04
N GLU A 350 12.13 22.27 -17.40
CA GLU A 350 10.75 21.85 -17.71
C GLU A 350 10.30 22.57 -18.98
N TYR A 351 9.35 21.98 -19.69
CA TYR A 351 8.79 22.54 -20.90
C TYR A 351 7.28 22.52 -20.80
N ILE A 352 6.65 23.63 -21.12
CA ILE A 352 5.20 23.73 -21.02
C ILE A 352 4.56 24.25 -22.28
N VAL A 353 3.50 23.58 -22.74
CA VAL A 353 2.69 24.10 -23.85
C VAL A 353 1.29 24.42 -23.38
N TYR A 354 0.62 25.32 -24.07
CA TYR A 354 -0.66 25.84 -23.64
C TYR A 354 -1.81 25.51 -24.57
N ASP A 355 -1.57 24.58 -25.49
CA ASP A 355 -2.60 24.10 -26.41
C ASP A 355 -2.44 22.58 -26.50
N ILE A 356 -3.54 21.85 -26.30
CA ILE A 356 -3.49 20.39 -26.19
C ILE A 356 -3.00 19.77 -27.49
N ALA A 357 -3.22 20.47 -28.60
CA ALA A 357 -2.87 19.94 -29.89
C ALA A 357 -1.37 19.99 -30.18
N GLN A 358 -0.58 20.67 -29.35
CA GLN A 358 0.87 20.74 -29.53
C GLN A 358 1.59 19.46 -29.07
N VAL A 359 0.83 18.43 -28.70
CA VAL A 359 1.37 17.18 -28.15
C VAL A 359 0.94 15.95 -28.96
N ASN A 360 1.91 15.11 -29.31
CA ASN A 360 1.62 13.86 -29.96
C ASN A 360 2.30 12.75 -29.17
N LEU A 361 1.51 11.97 -28.47
CA LEU A 361 2.05 10.89 -27.64
C LEU A 361 2.59 9.77 -28.54
N LYS A 362 3.81 9.31 -28.24
CA LYS A 362 4.48 8.28 -29.05
C LYS A 362 4.71 6.97 -28.32
N TYR A 363 5.26 7.07 -27.11
CA TYR A 363 5.59 5.85 -26.32
C TYR A 363 5.09 5.89 -24.90
N LEU A 364 4.87 4.71 -24.33
CA LEU A 364 4.50 4.54 -22.92
C LEU A 364 5.45 3.52 -22.34
N LEU A 365 6.14 3.88 -21.27
CA LEU A 365 7.10 2.99 -20.66
C LEU A 365 6.55 2.51 -19.36
N LYS A 366 6.71 1.23 -19.10
CA LYS A 366 6.49 0.70 -17.79
C LYS A 366 7.84 0.49 -17.13
N LEU A 367 8.02 1.10 -15.96
CA LEU A 367 9.31 1.08 -15.25
C LEU A 367 9.23 0.54 -13.85
N LYS A 368 10.30 -0.12 -13.46
CA LYS A 368 10.46 -0.63 -12.12
C LYS A 368 11.30 0.38 -11.37
N PHE A 369 10.81 0.79 -10.22
CA PHE A 369 11.52 1.69 -9.33
C PHE A 369 12.17 0.82 -8.26
N ASN A 370 13.50 0.75 -8.28
CA ASN A 370 14.23 -0.05 -7.31
C ASN A 370 14.76 0.90 -6.23
N PHE A 371 13.99 1.06 -5.15
CA PHE A 371 14.32 2.01 -4.07
C PHE A 371 15.51 1.53 -3.23
N LYS A 372 16.13 2.45 -2.50
CA LYS A 372 17.31 2.15 -1.70
C LYS A 372 16.98 2.16 -0.22
N LYS B 24 -2.94 18.44 23.73
CA LYS B 24 -1.64 17.71 23.80
C LYS B 24 -1.73 16.50 24.76
N SER B 25 -1.46 15.31 24.24
CA SER B 25 -1.29 14.14 25.08
C SER B 25 -0.14 14.40 26.04
N LYS B 26 -0.18 13.79 27.22
CA LYS B 26 0.99 13.77 28.12
C LYS B 26 1.78 12.43 28.06
N LEU B 27 1.41 11.55 27.14
CA LEU B 27 2.16 10.31 26.97
C LEU B 27 3.41 10.69 26.22
N PRO B 28 4.49 9.95 26.46
CA PRO B 28 5.65 10.23 25.62
C PRO B 28 5.39 9.92 24.15
N LYS B 29 6.15 10.60 23.30
CA LYS B 29 5.98 10.60 21.86
C LYS B 29 5.96 9.18 21.24
N PRO B 30 6.92 8.32 21.62
CA PRO B 30 6.86 7.00 21.00
C PRO B 30 5.62 6.23 21.40
N VAL B 31 5.13 6.44 22.62
CA VAL B 31 3.92 5.77 23.01
C VAL B 31 2.75 6.36 22.22
N GLN B 32 2.75 7.67 21.98
CA GLN B 32 1.71 8.29 21.16
C GLN B 32 1.69 7.67 19.77
N ASP B 33 2.85 7.54 19.17
CA ASP B 33 2.93 6.95 17.84
C ASP B 33 2.51 5.49 17.79
N LEU B 34 2.79 4.73 18.83
CA LEU B 34 2.35 3.36 18.91
C LEU B 34 0.80 3.27 18.93
N ILE B 35 0.17 4.13 19.73
CA ILE B 35 -1.28 4.17 19.81
C ILE B 35 -1.89 4.52 18.44
N LYS B 36 -1.33 5.50 17.74
CA LYS B 36 -1.86 5.92 16.44
C LYS B 36 -1.73 4.83 15.41
N MET B 37 -0.59 4.15 15.43
CA MET B 37 -0.35 3.04 14.54
C MET B 37 -1.35 1.91 14.78
N ILE B 38 -1.63 1.56 16.02
CA ILE B 38 -2.48 0.41 16.20
C ILE B 38 -3.96 0.72 16.06
N PHE B 39 -4.35 1.98 16.23
CA PHE B 39 -5.73 2.40 15.96
C PHE B 39 -5.93 3.06 14.60
N ASP B 40 -5.02 2.84 13.68
CA ASP B 40 -5.10 3.48 12.35
C ASP B 40 -6.29 2.98 11.51
N VAL B 41 -7.30 3.78 11.31
CA VAL B 41 -8.50 3.31 10.60
C VAL B 41 -8.24 3.12 9.13
N GLU B 42 -7.40 3.99 8.57
CA GLU B 42 -6.99 3.85 7.21
C GLU B 42 -6.35 2.47 6.91
N SER B 43 -5.48 1.97 7.81
CA SER B 43 -4.96 0.60 7.65
C SER B 43 -6.05 -0.45 7.66
N MET B 44 -7.01 -0.31 8.53
CA MET B 44 -8.11 -1.23 8.59
C MET B 44 -8.84 -1.30 7.25
N LYS B 45 -9.16 -0.14 6.70
CA LYS B 45 -9.80 -0.07 5.42
C LYS B 45 -8.98 -0.59 4.26
N LYS B 46 -7.69 -0.31 4.25
CA LYS B 46 -6.80 -0.85 3.22
C LYS B 46 -6.76 -2.36 3.25
N ALA B 47 -6.67 -2.94 4.44
CA ALA B 47 -6.67 -4.42 4.57
C ALA B 47 -7.94 -4.95 3.92
N MET B 48 -9.10 -4.32 4.23
CA MET B 48 -10.39 -4.76 3.63
C MET B 48 -10.41 -4.64 2.12
N VAL B 49 -9.83 -3.56 1.60
CA VAL B 49 -9.78 -3.36 0.18
C VAL B 49 -8.90 -4.46 -0.49
N GLU B 50 -7.76 -4.74 0.10
CA GLU B 50 -6.86 -5.76 -0.40
C GLU B 50 -7.50 -7.15 -0.36
N TYR B 51 -8.36 -7.40 0.62
CA TYR B 51 -9.11 -8.67 0.65
C TYR B 51 -10.25 -8.67 -0.34
N GLU B 52 -10.42 -7.58 -1.10
CA GLU B 52 -11.45 -7.48 -2.13
C GLU B 52 -12.85 -7.57 -1.54
N ILE B 53 -13.01 -7.05 -0.32
CA ILE B 53 -14.34 -6.97 0.30
C ILE B 53 -15.15 -5.82 -0.31
N ASP B 54 -16.44 -6.07 -0.49
CA ASP B 54 -17.33 -5.04 -0.98
C ASP B 54 -17.67 -4.13 0.21
N LEU B 55 -17.09 -2.95 0.26
CA LEU B 55 -17.30 -2.05 1.36
C LEU B 55 -18.67 -1.35 1.34
N GLN B 56 -19.41 -1.42 0.25
CA GLN B 56 -20.75 -0.86 0.28
C GLN B 56 -21.69 -1.84 1.01
N LYS B 57 -21.48 -3.14 0.85
CA LYS B 57 -22.21 -4.13 1.61
C LYS B 57 -21.61 -4.42 3.00
N MET B 58 -20.33 -4.18 3.17
CA MET B 58 -19.71 -4.52 4.41
C MET B 58 -18.70 -3.45 4.81
N PRO B 59 -19.18 -2.28 5.27
CA PRO B 59 -18.25 -1.27 5.80
C PRO B 59 -17.51 -1.81 6.98
N LEU B 60 -16.41 -1.15 7.29
CA LEU B 60 -15.68 -1.49 8.44
C LEU B 60 -16.60 -1.58 9.68
N GLY B 61 -17.50 -0.66 9.89
CA GLY B 61 -18.32 -0.65 11.10
C GLY B 61 -19.41 -1.71 11.13
N LYS B 62 -19.49 -2.56 10.10
CA LYS B 62 -20.47 -3.58 10.00
C LYS B 62 -19.86 -4.94 10.33
N LEU B 63 -18.53 -5.07 10.33
CA LEU B 63 -17.90 -6.34 10.72
C LEU B 63 -18.34 -6.73 12.09
N SER B 64 -18.67 -8.00 12.27
CA SER B 64 -19.08 -8.48 13.60
C SER B 64 -18.53 -9.85 13.84
N LYS B 65 -18.38 -10.16 15.14
CA LYS B 65 -17.92 -11.45 15.63
C LYS B 65 -18.82 -12.60 15.12
N ARG B 66 -20.13 -12.42 15.28
CA ARG B 66 -21.10 -13.46 14.82
C ARG B 66 -20.91 -13.77 13.34
N GLN B 67 -20.77 -12.74 12.53
CA GLN B 67 -20.53 -12.90 11.10
C GLN B 67 -19.24 -13.67 10.86
N ILE B 68 -18.18 -13.28 11.57
CA ILE B 68 -16.90 -13.94 11.41
C ILE B 68 -16.93 -15.41 11.89
N GLN B 69 -17.56 -15.66 13.04
CA GLN B 69 -17.79 -17.04 13.51
C GLN B 69 -18.47 -17.86 12.43
N ALA B 70 -19.53 -17.32 11.81
CA ALA B 70 -20.30 -18.08 10.80
C ALA B 70 -19.42 -18.39 9.60
N ALA B 71 -18.53 -17.48 9.27
CA ALA B 71 -17.70 -17.70 8.12
C ALA B 71 -16.62 -18.74 8.43
N TYR B 72 -16.10 -18.69 9.66
CA TYR B 72 -15.19 -19.73 10.15
C TYR B 72 -15.88 -21.08 10.00
N SER B 73 -17.11 -21.21 10.50
CA SER B 73 -17.83 -22.49 10.41
C SER B 73 -17.91 -22.91 8.97
N ILE B 74 -18.23 -22.01 8.06
CA ILE B 74 -18.30 -22.37 6.65
C ILE B 74 -16.98 -22.93 6.17
N LEU B 75 -15.88 -22.29 6.54
CA LEU B 75 -14.55 -22.81 6.20
C LEU B 75 -14.31 -24.19 6.78
N SER B 76 -14.75 -24.44 8.01
CA SER B 76 -14.61 -25.78 8.55
C SER B 76 -15.39 -26.80 7.72
N GLU B 77 -16.59 -26.44 7.25
CA GLU B 77 -17.39 -27.36 6.42
C GLU B 77 -16.71 -27.57 5.08
N VAL B 78 -16.02 -26.55 4.56
CA VAL B 78 -15.22 -26.79 3.36
C VAL B 78 -14.16 -27.82 3.70
N GLN B 79 -13.49 -27.63 4.83
CA GLN B 79 -12.41 -28.52 5.17
C GLN B 79 -12.92 -29.93 5.44
N GLN B 80 -14.00 -30.03 6.21
CA GLN B 80 -14.64 -31.29 6.50
C GLN B 80 -15.18 -31.98 5.24
N ALA B 81 -15.68 -31.18 4.29
CA ALA B 81 -16.21 -31.72 3.03
C ALA B 81 -15.09 -32.29 2.17
N VAL B 82 -13.96 -31.58 2.10
CA VAL B 82 -12.83 -32.00 1.27
C VAL B 82 -12.04 -33.14 1.98
N SER B 83 -12.03 -33.12 3.31
CA SER B 83 -11.47 -34.23 4.09
C SER B 83 -12.23 -35.52 3.84
N GLN B 84 -13.53 -35.39 3.62
CA GLN B 84 -14.40 -36.52 3.43
C GLN B 84 -14.70 -36.75 1.94
N GLY B 85 -14.12 -35.95 1.04
CA GLY B 85 -14.40 -36.13 -0.39
C GLY B 85 -15.76 -35.55 -0.68
N SER B 86 -16.04 -35.12 -1.92
CA SER B 86 -17.24 -34.30 -2.10
C SER B 86 -17.75 -34.16 -3.54
N SER B 87 -18.78 -33.33 -3.72
CA SER B 87 -19.44 -33.06 -4.98
C SER B 87 -19.25 -31.59 -5.38
N ASP B 88 -19.48 -31.29 -6.67
CA ASP B 88 -19.27 -29.93 -7.19
C ASP B 88 -20.24 -28.96 -6.53
N SER B 89 -21.46 -29.46 -6.36
CA SER B 89 -22.57 -28.70 -5.80
C SER B 89 -22.28 -28.22 -4.38
N GLN B 90 -21.81 -29.14 -3.56
CA GLN B 90 -21.54 -28.90 -2.17
C GLN B 90 -20.46 -27.82 -2.01
N ILE B 91 -19.36 -27.94 -2.75
CA ILE B 91 -18.26 -26.98 -2.68
C ILE B 91 -18.67 -25.59 -3.16
N LEU B 92 -19.35 -25.55 -4.30
CA LEU B 92 -19.78 -24.31 -4.86
C LEU B 92 -20.68 -23.57 -3.85
N ASP B 93 -21.57 -24.30 -3.23
CA ASP B 93 -22.55 -23.69 -2.34
C ASP B 93 -21.91 -23.05 -1.11
N LEU B 94 -20.93 -23.75 -0.58
CA LEU B 94 -20.20 -23.27 0.58
C LEU B 94 -19.40 -22.01 0.22
N SER B 95 -18.86 -21.99 -0.99
CA SER B 95 -18.09 -20.87 -1.47
C SER B 95 -19.01 -19.67 -1.57
N ASN B 96 -20.18 -19.88 -2.16
CA ASN B 96 -21.13 -18.80 -2.33
C ASN B 96 -21.63 -18.23 -1.02
N ARG B 97 -21.86 -19.11 -0.06
CA ARG B 97 -22.25 -18.66 1.24
C ARG B 97 -21.12 -17.83 1.88
N PHE B 98 -19.89 -18.30 1.72
CA PHE B 98 -18.74 -17.60 2.31
C PHE B 98 -18.62 -16.18 1.74
N TYR B 99 -18.69 -16.06 0.43
CA TYR B 99 -18.68 -14.79 -0.26
C TYR B 99 -19.94 -13.91 -0.12
N THR B 100 -20.98 -14.42 0.50
CA THR B 100 -22.14 -13.66 0.94
C THR B 100 -22.01 -13.18 2.35
N LEU B 101 -21.47 -14.02 3.24
CA LEU B 101 -21.19 -13.61 4.60
C LEU B 101 -20.12 -12.55 4.66
N ILE B 102 -19.08 -12.73 3.85
CA ILE B 102 -18.02 -11.77 3.74
C ILE B 102 -18.12 -11.25 2.34
N PRO B 103 -18.93 -10.22 2.14
CA PRO B 103 -19.22 -9.96 0.74
C PRO B 103 -18.02 -9.55 -0.06
N HIS B 104 -17.95 -10.14 -1.22
CA HIS B 104 -16.85 -9.98 -2.12
C HIS B 104 -17.26 -9.01 -3.16
N ASP B 105 -16.32 -8.19 -3.61
CA ASP B 105 -16.63 -7.30 -4.72
C ASP B 105 -16.37 -8.05 -6.03
N PHE B 106 -17.47 -8.45 -6.67
CA PHE B 106 -17.40 -9.16 -7.95
C PHE B 106 -17.06 -8.20 -9.10
N GLY B 107 -16.93 -6.91 -8.81
CA GLY B 107 -16.36 -5.95 -9.74
C GLY B 107 -14.83 -5.95 -9.74
N MET B 108 -14.25 -6.73 -8.84
CA MET B 108 -12.81 -6.87 -8.76
C MET B 108 -12.37 -8.18 -9.41
N LYS B 109 -11.67 -9.04 -8.68
CA LYS B 109 -10.88 -10.10 -9.28
C LYS B 109 -11.45 -11.45 -8.86
N LYS B 110 -11.86 -12.24 -9.85
CA LYS B 110 -12.44 -13.56 -9.67
C LYS B 110 -11.95 -14.19 -8.38
N PRO B 111 -12.86 -14.45 -7.44
CA PRO B 111 -12.42 -15.04 -6.21
C PRO B 111 -12.20 -16.55 -6.36
N PRO B 112 -11.22 -17.09 -5.60
CA PRO B 112 -10.95 -18.53 -5.62
C PRO B 112 -12.15 -19.36 -5.14
N LEU B 113 -12.46 -20.43 -5.87
CA LEU B 113 -13.37 -21.48 -5.39
C LEU B 113 -12.69 -22.14 -4.20
N LEU B 114 -13.43 -22.34 -3.11
CA LEU B 114 -12.82 -22.87 -1.89
C LEU B 114 -12.88 -24.39 -1.89
N ASN B 115 -11.86 -25.02 -2.47
CA ASN B 115 -11.87 -26.47 -2.65
C ASN B 115 -10.55 -27.15 -2.27
N ASN B 116 -9.74 -26.49 -1.45
CA ASN B 116 -8.46 -27.11 -1.05
C ASN B 116 -8.05 -26.84 0.40
N ALA B 117 -6.76 -26.87 0.67
CA ALA B 117 -6.26 -26.52 1.99
C ALA B 117 -5.68 -25.11 1.96
N ASP B 118 -5.00 -24.74 0.86
CA ASP B 118 -4.33 -23.43 0.79
C ASP B 118 -5.38 -22.28 0.81
N SER B 119 -6.40 -22.38 -0.05
CA SER B 119 -7.45 -21.38 -0.09
C SER B 119 -8.16 -21.32 1.23
N VAL B 120 -8.47 -22.47 1.79
CA VAL B 120 -9.17 -22.48 3.06
C VAL B 120 -8.30 -21.74 4.06
N GLN B 121 -7.00 -22.03 4.04
CA GLN B 121 -6.12 -21.45 5.02
C GLN B 121 -5.92 -19.95 4.77
N ALA B 122 -5.77 -19.52 3.53
CA ALA B 122 -5.72 -18.08 3.25
C ALA B 122 -6.99 -17.32 3.73
N LYS B 123 -8.17 -17.90 3.53
CA LYS B 123 -9.40 -17.27 4.04
C LYS B 123 -9.52 -17.30 5.53
N ALA B 124 -9.04 -18.38 6.15
CA ALA B 124 -9.01 -18.43 7.63
C ALA B 124 -8.08 -17.35 8.16
N GLU B 125 -7.00 -17.09 7.44
CA GLU B 125 -6.02 -16.03 7.83
C GLU B 125 -6.69 -14.67 7.74
N MET B 126 -7.38 -14.44 6.63
CA MET B 126 -8.19 -13.23 6.50
C MET B 126 -9.11 -13.06 7.68
N LEU B 127 -9.84 -14.12 8.04
CA LEU B 127 -10.81 -13.99 9.12
C LEU B 127 -10.13 -13.66 10.42
N ASP B 128 -8.97 -14.27 10.69
CA ASP B 128 -8.22 -13.94 11.91
C ASP B 128 -7.93 -12.44 11.95
N ASN B 129 -7.46 -11.93 10.83
CA ASN B 129 -7.15 -10.49 10.75
C ASN B 129 -8.39 -9.61 10.87
N LEU B 130 -9.49 -10.02 10.23
CA LEU B 130 -10.73 -9.24 10.29
C LEU B 130 -11.30 -9.20 11.67
N LEU B 131 -11.15 -10.31 12.38
CA LEU B 131 -11.60 -10.35 13.76
C LEU B 131 -10.89 -9.33 14.65
N ASP B 132 -9.58 -9.33 14.63
CA ASP B 132 -8.85 -8.30 15.41
C ASP B 132 -9.09 -6.88 14.93
N ILE B 133 -9.31 -6.71 13.63
CA ILE B 133 -9.77 -5.39 13.13
C ILE B 133 -11.11 -5.03 13.77
N GLU B 134 -12.01 -5.99 13.82
CA GLU B 134 -13.32 -5.68 14.40
C GLU B 134 -13.18 -5.35 15.90
N VAL B 135 -12.33 -6.10 16.58
CA VAL B 135 -12.02 -5.78 17.98
C VAL B 135 -11.43 -4.38 18.13
N ALA B 136 -10.42 -4.05 17.31
CA ALA B 136 -9.88 -2.69 17.38
C ALA B 136 -10.98 -1.68 17.16
N TYR B 137 -11.78 -1.91 16.13
CA TYR B 137 -12.73 -0.86 15.74
C TYR B 137 -13.83 -0.66 16.81
N SER B 138 -14.26 -1.74 17.40
CA SER B 138 -15.25 -1.59 18.48
C SER B 138 -14.68 -0.87 19.74
N LEU B 139 -13.42 -1.08 20.12
CA LEU B 139 -12.83 -0.22 21.18
C LEU B 139 -12.85 1.23 20.79
N LEU B 140 -12.48 1.45 19.55
CA LEU B 140 -12.36 2.79 19.04
C LEU B 140 -13.67 3.53 19.01
N ARG B 141 -14.76 2.86 18.69
CA ARG B 141 -16.05 3.52 18.64
C ARG B 141 -16.81 3.49 19.96
N GLY B 142 -16.39 2.60 20.86
CA GLY B 142 -17.13 2.34 22.09
C GLY B 142 -16.78 3.06 23.38
N GLY B 143 -16.64 4.39 23.35
CA GLY B 143 -16.43 5.15 24.60
C GLY B 143 -17.35 6.33 24.88
N SER B 144 -17.00 7.11 25.91
CA SER B 144 -17.54 8.44 26.13
C SER B 144 -16.64 9.42 25.36
N ASP B 145 -16.94 9.55 24.06
CA ASP B 145 -16.11 10.33 23.14
C ASP B 145 -16.52 11.81 23.13
N ASP B 146 -16.10 12.50 24.19
CA ASP B 146 -16.20 13.95 24.28
C ASP B 146 -14.77 14.50 24.29
N SER B 147 -14.59 15.66 23.67
CA SER B 147 -13.25 16.17 23.38
C SER B 147 -12.56 16.78 24.60
N SER B 148 -13.15 16.60 25.79
CA SER B 148 -12.57 17.13 27.03
C SER B 148 -11.22 16.49 27.37
N LYS B 149 -10.88 15.39 26.68
CA LYS B 149 -9.54 14.80 26.78
C LYS B 149 -8.99 14.42 25.40
N ASP B 150 -7.67 14.32 25.30
CA ASP B 150 -6.98 14.01 24.06
C ASP B 150 -7.40 12.65 23.49
N PRO B 151 -7.65 12.57 22.18
CA PRO B 151 -8.06 11.29 21.60
C PRO B 151 -7.06 10.19 21.87
N ILE B 152 -5.77 10.54 21.77
CA ILE B 152 -4.71 9.58 22.01
C ILE B 152 -4.74 9.00 23.42
N ASP B 153 -4.91 9.85 24.42
CA ASP B 153 -4.99 9.37 25.81
C ASP B 153 -6.25 8.50 26.01
N VAL B 154 -7.38 8.89 25.41
CA VAL B 154 -8.62 8.08 25.53
C VAL B 154 -8.38 6.68 24.94
N ASN B 155 -7.80 6.60 23.76
CA ASN B 155 -7.57 5.30 23.15
C ASN B 155 -6.52 4.49 23.86
N TYR B 156 -5.50 5.16 24.38
CA TYR B 156 -4.53 4.49 25.28
C TYR B 156 -5.25 3.80 26.42
N GLU B 157 -6.11 4.53 27.11
CA GLU B 157 -6.82 4.01 28.26
C GLU B 157 -7.59 2.75 27.90
N LYS B 158 -8.26 2.76 26.76
CA LYS B 158 -9.04 1.60 26.31
C LYS B 158 -8.25 0.32 26.17
N LEU B 159 -6.93 0.41 26.02
CA LEU B 159 -6.13 -0.80 25.98
C LEU B 159 -5.95 -1.46 27.36
N LYS B 160 -6.28 -0.75 28.44
CA LYS B 160 -6.18 -1.33 29.77
C LYS B 160 -4.81 -1.97 29.90
N THR B 161 -3.79 -1.27 29.41
CA THR B 161 -2.41 -1.76 29.44
C THR B 161 -1.45 -0.61 29.76
N ASP B 162 -0.61 -0.80 30.78
CA ASP B 162 0.46 0.15 31.06
C ASP B 162 1.59 -0.03 30.06
N ILE B 163 1.97 1.03 29.37
CA ILE B 163 3.02 0.98 28.38
C ILE B 163 4.08 2.03 28.69
N LYS B 164 5.32 1.60 28.95
CA LYS B 164 6.44 2.53 29.16
C LYS B 164 7.53 2.27 28.13
N VAL B 165 8.25 3.31 27.77
CA VAL B 165 9.39 3.19 26.87
C VAL B 165 10.59 2.63 27.62
N VAL B 166 11.25 1.65 27.02
CA VAL B 166 12.48 1.12 27.58
C VAL B 166 13.62 1.88 26.92
N ASP B 167 14.41 2.56 27.74
CA ASP B 167 15.45 3.40 27.20
C ASP B 167 16.46 2.52 26.50
N ARG B 168 16.95 3.01 25.36
CA ARG B 168 17.77 2.24 24.47
C ARG B 168 19.16 1.81 24.98
N ASP B 169 19.67 2.52 26.00
CA ASP B 169 20.95 2.20 26.63
C ASP B 169 20.81 1.44 27.96
N SER B 170 19.57 1.09 28.33
CA SER B 170 19.32 0.37 29.57
C SER B 170 19.71 -1.08 29.40
N GLU B 171 19.87 -1.77 30.52
CA GLU B 171 20.24 -3.21 30.45
C GLU B 171 19.24 -4.04 29.69
N GLU B 172 17.97 -3.78 29.95
CA GLU B 172 16.88 -4.52 29.29
C GLU B 172 16.97 -4.38 27.77
N ALA B 173 17.20 -3.15 27.32
CA ALA B 173 17.34 -2.89 25.90
C ALA B 173 18.53 -3.57 25.31
N GLU B 174 19.63 -3.62 26.05
CA GLU B 174 20.81 -4.31 25.51
C GLU B 174 20.54 -5.80 25.37
N ILE B 175 19.87 -6.39 26.36
CA ILE B 175 19.53 -7.80 26.33
C ILE B 175 18.60 -8.02 25.09
N ILE B 176 17.56 -7.19 25.00
CA ILE B 176 16.53 -7.37 23.99
C ILE B 176 17.17 -7.25 22.60
N ARG B 177 17.99 -6.22 22.38
CA ARG B 177 18.63 -6.06 21.08
C ARG B 177 19.53 -7.22 20.76
N LYS B 178 20.16 -7.78 21.78
CA LYS B 178 21.01 -8.93 21.60
C LYS B 178 20.20 -10.15 21.15
N TYR B 179 19.05 -10.36 21.78
CA TYR B 179 18.17 -11.45 21.43
C TYR B 179 17.74 -11.33 19.96
N VAL B 180 17.48 -10.09 19.53
CA VAL B 180 17.08 -9.81 18.14
C VAL B 180 18.25 -10.03 17.19
N LYS B 181 19.41 -9.50 17.53
CA LYS B 181 20.54 -9.55 16.63
C LYS B 181 21.00 -10.98 16.42
N ASN B 182 21.05 -11.76 17.50
CA ASN B 182 21.53 -13.14 17.47
C ASN B 182 20.56 -14.06 16.74
N THR B 183 19.28 -13.96 17.08
CA THR B 183 18.26 -14.86 16.54
C THR B 183 17.65 -14.39 15.20
N HIS B 184 18.32 -13.46 14.50
CA HIS B 184 17.96 -13.09 13.12
C HIS B 184 19.03 -13.57 12.14
N ALA B 185 18.62 -14.10 10.98
CA ALA B 185 19.55 -14.84 10.06
C ALA B 185 19.89 -14.17 8.70
N THR B 186 20.87 -14.76 7.99
CA THR B 186 21.22 -14.41 6.59
C THR B 186 20.52 -15.36 5.58
N THR B 187 19.67 -16.24 6.07
CA THR B 187 18.87 -17.13 5.23
C THR B 187 17.68 -16.34 4.65
N HIS B 188 16.72 -15.99 5.51
CA HIS B 188 15.58 -15.14 5.15
C HIS B 188 16.09 -13.71 5.07
N ASN B 189 17.03 -13.49 4.14
CA ASN B 189 17.73 -12.23 3.98
C ASN B 189 16.96 -11.29 3.05
N ALA B 190 15.63 -11.46 3.04
CA ALA B 190 14.71 -10.53 2.39
C ALA B 190 14.82 -9.19 3.07
N TYR B 191 14.92 -9.23 4.41
CA TYR B 191 15.03 -8.05 5.22
C TYR B 191 15.97 -8.29 6.39
N ASP B 192 16.61 -7.23 6.84
CA ASP B 192 17.19 -7.25 8.15
C ASP B 192 16.30 -6.38 9.06
N LEU B 193 16.36 -6.69 10.35
CA LEU B 193 15.49 -6.06 11.32
C LEU B 193 16.23 -5.02 12.12
N GLU B 194 15.57 -3.91 12.39
CA GLU B 194 16.15 -2.87 13.22
C GLU B 194 15.14 -2.46 14.24
N VAL B 195 15.56 -2.39 15.50
CA VAL B 195 14.65 -2.07 16.54
C VAL B 195 14.48 -0.57 16.55
N ILE B 196 13.23 -0.11 16.50
CA ILE B 196 12.94 1.32 16.58
C ILE B 196 12.63 1.73 18.01
N ASP B 197 11.75 1.00 18.66
CA ASP B 197 11.35 1.34 20.02
C ASP B 197 11.08 0.04 20.73
N ILE B 198 11.36 0.04 22.01
CA ILE B 198 11.04 -1.08 22.88
C ILE B 198 10.10 -0.54 23.96
N PHE B 199 9.00 -1.23 24.17
CA PHE B 199 8.04 -0.86 25.18
C PHE B 199 7.91 -1.96 26.23
N LYS B 200 7.75 -1.55 27.47
CA LYS B 200 7.46 -2.46 28.55
C LYS B 200 5.98 -2.37 28.78
N ILE B 201 5.31 -3.50 28.80
CA ILE B 201 3.85 -3.50 28.89
C ILE B 201 3.35 -4.37 30.03
N GLU B 202 2.29 -3.93 30.70
CA GLU B 202 1.54 -4.80 31.61
C GLU B 202 0.06 -4.61 31.38
N ARG B 203 -0.56 -5.68 30.93
CA ARG B 203 -2.00 -5.73 30.79
C ARG B 203 -2.64 -5.82 32.18
N GLU B 204 -3.62 -4.96 32.44
CA GLU B 204 -4.46 -5.03 33.64
C GLU B 204 -4.92 -6.45 33.89
N GLY B 205 -4.73 -6.92 35.12
CA GLY B 205 -5.19 -8.26 35.52
C GLY B 205 -4.28 -9.42 35.13
N GLU B 206 -3.41 -9.26 34.15
CA GLU B 206 -2.70 -10.41 33.59
C GLU B 206 -1.70 -11.01 34.58
N CYS B 207 -1.02 -10.15 35.35
CA CYS B 207 -0.04 -10.66 36.31
C CYS B 207 -0.73 -11.57 37.36
N GLN B 208 -1.95 -11.20 37.74
CA GLN B 208 -2.72 -11.98 38.72
C GLN B 208 -3.16 -13.32 38.12
N ARG B 209 -3.72 -13.25 36.92
CA ARG B 209 -4.09 -14.43 36.14
C ARG B 209 -2.90 -15.38 35.96
N TYR B 210 -1.73 -14.81 35.76
CA TYR B 210 -0.54 -15.59 35.49
C TYR B 210 0.02 -16.29 36.72
N LYS B 211 -0.15 -15.67 37.89
CA LYS B 211 0.52 -16.12 39.14
C LYS B 211 0.55 -17.63 39.36
N PRO B 212 -0.62 -18.28 39.50
CA PRO B 212 -0.62 -19.74 39.73
C PRO B 212 0.29 -20.51 38.77
N PHE B 213 0.39 -20.08 37.52
CA PHE B 213 1.20 -20.79 36.53
C PHE B 213 2.68 -20.48 36.68
N LYS B 214 3.00 -19.40 37.40
CA LYS B 214 4.38 -19.08 37.70
C LYS B 214 5.00 -20.21 38.49
N GLN B 215 4.17 -20.99 39.19
CA GLN B 215 4.63 -22.13 39.98
C GLN B 215 5.24 -23.24 39.12
N LEU B 216 4.74 -23.43 37.91
CA LEU B 216 5.34 -24.38 36.98
C LEU B 216 6.78 -23.98 36.67
N HIS B 217 7.61 -24.97 36.37
CA HIS B 217 9.01 -24.71 36.03
C HIS B 217 9.05 -24.43 34.53
N ASN B 218 10.25 -24.19 34.01
CA ASN B 218 10.46 -23.94 32.59
C ASN B 218 9.69 -22.72 32.08
N ARG B 219 9.93 -21.59 32.71
CA ARG B 219 9.35 -20.34 32.28
C ARG B 219 10.32 -19.66 31.34
N ARG B 220 9.84 -19.31 30.13
CA ARG B 220 10.67 -18.75 29.08
C ARG B 220 10.13 -17.46 28.47
N LEU B 221 11.05 -16.63 28.02
CA LEU B 221 10.74 -15.37 27.38
C LEU B 221 10.87 -15.59 25.88
N LEU B 222 9.75 -15.45 25.16
CA LEU B 222 9.64 -15.90 23.80
C LEU B 222 8.91 -14.88 22.93
N TRP B 223 9.14 -14.98 21.63
CA TRP B 223 8.65 -14.04 20.62
C TRP B 223 7.26 -14.45 20.15
N HIS B 224 6.44 -13.45 19.84
CA HIS B 224 5.16 -13.67 19.22
C HIS B 224 4.87 -12.47 18.30
N GLY B 225 4.92 -12.75 17.00
CA GLY B 225 4.65 -11.77 15.98
C GLY B 225 3.19 -11.80 15.53
N SER B 226 2.73 -10.68 15.00
CA SER B 226 1.37 -10.59 14.47
C SER B 226 1.23 -9.33 13.66
N ARG B 227 0.17 -9.26 12.88
CA ARG B 227 -0.10 -8.09 12.07
C ARG B 227 -0.33 -6.89 12.94
N THR B 228 0.12 -5.75 12.46
CA THR B 228 -0.05 -4.51 13.23
C THR B 228 -1.50 -4.17 13.53
N THR B 229 -2.37 -4.36 12.54
CA THR B 229 -3.80 -4.15 12.74
C THR B 229 -4.44 -5.10 13.76
N ASN B 230 -3.68 -6.03 14.35
CA ASN B 230 -4.19 -6.94 15.42
C ASN B 230 -3.82 -6.48 16.86
N PHE B 231 -2.90 -5.55 17.00
CA PHE B 231 -2.40 -5.27 18.33
C PHE B 231 -3.35 -4.59 19.30
N ALA B 232 -4.31 -3.84 18.79
CA ALA B 232 -5.35 -3.32 19.69
C ALA B 232 -6.08 -4.41 20.38
N GLY B 233 -6.42 -5.46 19.64
CA GLY B 233 -7.08 -6.61 20.22
C GLY B 233 -6.15 -7.37 21.16
N ILE B 234 -4.90 -7.53 20.73
CA ILE B 234 -3.96 -8.24 21.57
C ILE B 234 -3.79 -7.57 22.94
N LEU B 235 -3.62 -6.26 22.96
CA LEU B 235 -3.38 -5.58 24.22
C LEU B 235 -4.63 -5.51 25.08
N SER B 236 -5.80 -5.25 24.49
CA SER B 236 -6.99 -5.19 25.33
C SER B 236 -7.41 -6.54 25.85
N GLN B 237 -7.25 -7.59 25.06
CA GLN B 237 -7.78 -8.90 25.43
C GLN B 237 -6.73 -9.94 25.70
N GLY B 238 -5.48 -9.66 25.37
CA GLY B 238 -4.41 -10.64 25.55
C GLY B 238 -4.41 -11.62 24.40
N LEU B 239 -3.37 -12.45 24.37
CA LEU B 239 -3.27 -13.49 23.38
C LEU B 239 -4.35 -14.54 23.64
N ARG B 240 -5.04 -14.95 22.57
CA ARG B 240 -6.16 -15.87 22.64
C ARG B 240 -5.97 -17.10 21.80
N ILE B 241 -6.80 -18.09 22.07
CA ILE B 241 -6.78 -19.33 21.34
C ILE B 241 -7.86 -19.18 20.27
N ALA B 242 -7.59 -19.69 19.07
CA ALA B 242 -8.55 -19.65 17.96
C ALA B 242 -9.88 -20.29 18.36
N PRO B 243 -11.01 -19.78 17.85
CA PRO B 243 -12.28 -20.36 18.31
C PRO B 243 -12.54 -21.76 17.77
N PRO B 244 -13.44 -22.49 18.44
CA PRO B 244 -13.89 -23.79 17.99
C PRO B 244 -14.32 -23.81 16.52
N GLU B 245 -15.00 -22.76 16.05
CA GLU B 245 -15.51 -22.73 14.68
C GLU B 245 -14.42 -22.75 13.62
N ALA B 246 -13.23 -22.32 14.00
CA ALA B 246 -12.14 -22.16 13.04
C ALA B 246 -11.66 -23.51 12.53
N PRO B 247 -11.33 -23.61 11.22
CA PRO B 247 -10.81 -24.85 10.68
C PRO B 247 -9.57 -25.25 11.43
N VAL B 248 -9.28 -26.54 11.45
CA VAL B 248 -8.14 -27.05 12.20
C VAL B 248 -6.89 -27.19 11.30
N THR B 249 -7.08 -27.13 9.97
CA THR B 249 -6.02 -27.40 9.00
C THR B 249 -4.85 -26.44 8.99
N GLY B 250 -5.03 -25.24 9.49
CA GLY B 250 -3.89 -24.33 9.63
C GLY B 250 -3.35 -24.29 11.05
N TYR B 251 -3.07 -25.46 11.63
CA TYR B 251 -2.57 -25.58 13.00
C TYR B 251 -1.73 -26.83 13.24
N MET B 252 -0.45 -26.72 12.95
CA MET B 252 0.49 -27.81 13.13
C MET B 252 0.33 -28.53 14.46
N PHE B 253 0.10 -27.79 15.55
CA PHE B 253 -0.03 -28.40 16.87
C PHE B 253 -1.33 -27.99 17.54
N GLY B 254 -2.34 -27.81 16.71
CA GLY B 254 -3.68 -27.51 17.17
C GLY B 254 -3.83 -26.09 17.62
N LYS B 255 -5.00 -25.83 18.20
CA LYS B 255 -5.40 -24.46 18.51
C LYS B 255 -4.84 -24.10 19.85
N GLY B 256 -3.72 -23.40 19.84
CA GLY B 256 -3.10 -22.86 21.05
C GLY B 256 -2.40 -21.56 20.72
N ILE B 257 -1.57 -21.08 21.65
CA ILE B 257 -0.83 -19.84 21.47
C ILE B 257 0.59 -20.21 21.11
N TYR B 258 1.03 -19.78 19.94
CA TYR B 258 2.33 -20.16 19.39
C TYR B 258 3.37 -19.07 19.65
N PHE B 259 4.58 -19.51 20.04
CA PHE B 259 5.74 -18.65 20.29
C PHE B 259 6.98 -19.25 19.65
N ALA B 260 7.90 -18.38 19.28
CA ALA B 260 9.19 -18.79 18.76
C ALA B 260 10.31 -18.40 19.74
N ASP B 261 11.47 -19.06 19.63
CA ASP B 261 12.65 -18.64 20.36
C ASP B 261 13.65 -17.98 19.41
N MET B 262 13.24 -17.76 18.16
CA MET B 262 14.03 -16.99 17.23
C MET B 262 13.23 -15.89 16.55
N VAL B 263 13.70 -14.65 16.66
CA VAL B 263 12.94 -13.52 16.21
C VAL B 263 12.57 -13.67 14.72
N SER B 264 13.47 -14.25 13.93
CA SER B 264 13.26 -14.54 12.50
C SER B 264 11.96 -15.23 12.22
N LYS B 265 11.65 -16.23 13.03
CA LYS B 265 10.44 -17.00 12.90
C LYS B 265 9.21 -16.14 13.21
N SER B 266 9.19 -15.53 14.39
CA SER B 266 8.04 -14.70 14.77
C SER B 266 7.82 -13.50 13.83
N ALA B 267 8.89 -12.93 13.31
CA ALA B 267 8.79 -11.78 12.45
C ALA B 267 8.01 -12.04 11.16
N ASN B 268 8.04 -13.27 10.67
CA ASN B 268 7.24 -13.64 9.50
C ASN B 268 5.77 -13.42 9.73
N TYR B 269 5.31 -13.63 10.95
CA TYR B 269 3.92 -13.47 11.30
C TYR B 269 3.48 -12.02 11.49
N CYS B 270 4.41 -11.08 11.31
CA CYS B 270 4.05 -9.67 11.18
C CYS B 270 3.43 -9.39 9.81
N HIS B 271 3.71 -10.23 8.82
CA HIS B 271 3.26 -10.03 7.46
C HIS B 271 3.49 -8.61 7.00
N THR B 272 4.68 -8.09 7.24
CA THR B 272 5.03 -6.75 6.81
C THR B 272 5.42 -6.79 5.36
N SER B 273 5.30 -5.66 4.69
CA SER B 273 5.60 -5.56 3.29
C SER B 273 6.45 -4.35 3.05
N GLN B 274 7.08 -4.35 1.88
CA GLN B 274 7.83 -3.21 1.39
C GLN B 274 6.99 -1.93 1.54
N GLY B 275 5.67 -2.05 1.31
CA GLY B 275 4.76 -0.91 1.39
C GLY B 275 4.70 -0.29 2.77
N ASP B 276 4.47 -1.13 3.77
CA ASP B 276 4.57 -0.70 5.15
C ASP B 276 5.59 -1.58 5.90
N PRO B 277 6.83 -1.09 6.01
CA PRO B 277 7.90 -1.96 6.49
C PRO B 277 8.15 -1.89 8.00
N ILE B 278 7.16 -1.56 8.80
CA ILE B 278 7.35 -1.66 10.22
C ILE B 278 6.35 -2.63 10.80
N GLY B 279 6.81 -3.42 11.74
CA GLY B 279 5.97 -4.39 12.42
C GLY B 279 6.15 -4.33 13.93
N LEU B 280 5.25 -5.04 14.61
CA LEU B 280 5.22 -5.18 16.04
C LEU B 280 5.35 -6.64 16.42
N ILE B 281 6.22 -6.91 17.41
CA ILE B 281 6.44 -8.25 17.92
C ILE B 281 6.48 -8.18 19.45
N LEU B 282 5.93 -9.20 20.08
CA LEU B 282 5.91 -9.29 21.54
C LEU B 282 7.00 -10.16 22.03
N LEU B 283 7.38 -9.91 23.28
CA LEU B 283 8.13 -10.86 24.10
C LEU B 283 7.23 -11.19 25.27
N GLY B 284 6.90 -12.46 25.40
CA GLY B 284 6.05 -12.88 26.50
C GLY B 284 6.77 -13.86 27.39
N GLU B 285 6.43 -13.82 28.67
CA GLU B 285 6.91 -14.82 29.60
C GLU B 285 5.86 -15.92 29.57
N VAL B 286 6.30 -17.12 29.21
CA VAL B 286 5.41 -18.26 29.00
C VAL B 286 5.78 -19.38 29.97
N ALA B 287 4.81 -19.82 30.79
CA ALA B 287 5.03 -20.95 31.73
C ALA B 287 4.84 -22.29 31.01
N LEU B 288 5.91 -22.83 30.46
CA LEU B 288 5.84 -24.01 29.62
C LEU B 288 5.59 -25.29 30.43
N GLY B 289 6.19 -25.39 31.62
CA GLY B 289 6.13 -26.63 32.39
C GLY B 289 6.84 -27.73 31.62
N ASN B 290 6.37 -28.97 31.80
CA ASN B 290 6.93 -30.10 31.09
C ASN B 290 6.45 -30.08 29.64
N MET B 291 7.39 -30.16 28.71
CA MET B 291 7.13 -29.97 27.29
C MET B 291 6.98 -31.30 26.57
N TYR B 292 5.86 -31.47 25.89
CA TYR B 292 5.66 -32.57 24.96
C TYR B 292 6.34 -32.21 23.63
N GLU B 293 7.45 -32.88 23.36
CA GLU B 293 8.34 -32.48 22.28
C GLU B 293 7.98 -33.25 21.04
N LEU B 294 7.81 -32.57 19.91
CA LEU B 294 7.40 -33.24 18.66
C LEU B 294 8.19 -32.77 17.43
N LYS B 295 8.25 -33.65 16.43
CA LYS B 295 9.01 -33.39 15.20
C LYS B 295 8.11 -33.18 13.97
N HIS B 296 6.79 -33.43 14.12
CA HIS B 296 5.82 -33.41 13.02
C HIS B 296 4.42 -32.98 13.53
N ALA B 297 3.55 -32.57 12.61
CA ALA B 297 2.23 -32.04 12.99
C ALA B 297 1.45 -33.03 13.86
N SER B 298 0.58 -32.48 14.72
CA SER B 298 -0.15 -33.25 15.73
C SER B 298 -1.34 -32.49 16.33
N HIS B 299 -2.54 -32.76 15.81
CA HIS B 299 -3.78 -32.33 16.45
C HIS B 299 -4.08 -33.36 17.52
N ILE B 300 -4.01 -32.92 18.77
CA ILE B 300 -3.89 -33.84 19.90
C ILE B 300 -5.11 -33.91 20.82
N SER B 301 -5.93 -32.87 20.85
CA SER B 301 -6.93 -32.66 21.88
C SER B 301 -6.23 -32.32 23.20
N LYS B 302 -6.55 -33.06 24.26
CA LYS B 302 -5.85 -32.91 25.53
C LYS B 302 -4.47 -33.54 25.45
N LEU B 303 -3.55 -33.02 26.25
CA LEU B 303 -2.16 -33.46 26.21
C LEU B 303 -1.93 -34.56 27.22
N PRO B 304 -0.81 -35.29 27.09
CA PRO B 304 -0.45 -36.28 28.08
C PRO B 304 -0.31 -35.65 29.45
N LYS B 305 -0.77 -36.35 30.48
CA LYS B 305 -0.64 -35.83 31.85
C LYS B 305 0.83 -35.72 32.21
N GLY B 306 1.15 -34.71 33.00
CA GLY B 306 2.55 -34.35 33.24
C GLY B 306 3.04 -33.23 32.34
N LYS B 307 2.44 -33.08 31.16
CA LYS B 307 2.83 -32.04 30.19
C LYS B 307 1.89 -30.85 30.24
N HIS B 308 2.44 -29.65 30.06
CA HIS B 308 1.63 -28.43 30.08
C HIS B 308 1.84 -27.56 28.84
N SER B 309 2.50 -28.09 27.83
CA SER B 309 2.83 -27.35 26.63
C SER B 309 3.41 -28.30 25.58
N VAL B 310 3.54 -27.80 24.37
CA VAL B 310 4.15 -28.57 23.29
C VAL B 310 5.35 -27.81 22.81
N LYS B 311 6.37 -28.55 22.42
CA LYS B 311 7.50 -27.97 21.73
C LYS B 311 7.76 -28.68 20.41
N GLY B 312 7.63 -27.94 19.32
CA GLY B 312 7.94 -28.44 18.00
C GLY B 312 9.42 -28.26 17.79
N LEU B 313 10.14 -29.34 17.59
CA LEU B 313 11.60 -29.28 17.48
C LEU B 313 12.06 -28.90 16.08
N GLY B 314 12.91 -27.88 15.97
CA GLY B 314 13.45 -27.45 14.67
C GLY B 314 14.87 -27.89 14.43
N LYS B 315 15.31 -27.73 13.18
CA LYS B 315 16.70 -28.03 12.77
C LYS B 315 17.71 -27.05 13.36
N THR B 316 17.23 -25.87 13.77
CA THR B 316 18.08 -24.80 14.29
C THR B 316 17.54 -24.32 15.65
N THR B 317 18.44 -24.13 16.60
CA THR B 317 18.06 -23.70 17.95
C THR B 317 19.05 -22.68 18.49
N PRO B 318 18.56 -21.73 19.32
CA PRO B 318 19.52 -20.83 19.95
C PRO B 318 20.47 -21.60 20.86
N ASP B 319 21.76 -21.26 20.76
CA ASP B 319 22.82 -21.93 21.52
C ASP B 319 22.51 -21.93 23.04
N PRO B 320 22.14 -23.11 23.57
CA PRO B 320 21.73 -23.19 24.99
C PRO B 320 22.82 -22.79 25.99
N SER B 321 24.09 -22.87 25.61
CA SER B 321 25.16 -22.43 26.48
C SER B 321 25.33 -20.89 26.50
N ALA B 322 24.74 -20.20 25.53
CA ALA B 322 24.75 -18.72 25.50
C ALA B 322 23.45 -18.14 26.08
N ASN B 323 22.65 -18.99 26.71
CA ASN B 323 21.42 -18.58 27.37
C ASN B 323 21.66 -17.84 28.68
N ILE B 324 20.69 -17.00 29.02
CA ILE B 324 20.76 -16.07 30.15
C ILE B 324 19.49 -16.28 30.98
N SER B 325 19.51 -15.80 32.23
CA SER B 325 18.30 -15.81 33.06
C SER B 325 18.01 -14.46 33.70
N LEU B 326 16.86 -13.85 33.38
CA LEU B 326 16.35 -12.70 34.13
C LEU B 326 15.36 -13.20 35.21
N ASP B 327 15.80 -13.16 36.47
CA ASP B 327 14.91 -13.43 37.60
C ASP B 327 14.34 -14.86 37.57
N GLY B 328 15.10 -15.78 36.98
CA GLY B 328 14.64 -17.15 36.77
C GLY B 328 13.65 -17.23 35.61
N VAL B 329 13.79 -16.33 34.64
CA VAL B 329 13.13 -16.48 33.35
C VAL B 329 14.21 -16.67 32.29
N ASP B 330 14.23 -17.87 31.70
CA ASP B 330 15.17 -18.20 30.64
C ASP B 330 14.96 -17.33 29.40
N VAL B 331 16.07 -16.72 28.96
CA VAL B 331 16.11 -15.94 27.73
C VAL B 331 17.07 -16.62 26.76
N PRO B 332 16.51 -17.36 25.79
CA PRO B 332 17.35 -18.15 24.91
C PRO B 332 17.95 -17.31 23.78
N LEU B 333 18.88 -16.42 24.10
CA LEU B 333 19.34 -15.43 23.11
C LEU B 333 20.63 -15.85 22.39
N GLY B 334 21.10 -17.06 22.65
CA GLY B 334 22.22 -17.59 21.89
C GLY B 334 22.02 -17.47 20.40
N THR B 335 23.12 -17.35 19.69
CA THR B 335 23.11 -17.43 18.23
C THR B 335 22.64 -18.84 17.76
N GLY B 336 22.05 -18.88 16.58
CA GLY B 336 21.39 -20.09 16.09
C GLY B 336 22.38 -21.16 15.67
N ILE B 337 22.25 -22.34 16.28
CA ILE B 337 23.09 -23.50 15.93
C ILE B 337 22.20 -24.66 15.49
N SER B 338 22.80 -25.60 14.76
CA SER B 338 22.10 -26.82 14.35
C SER B 338 21.69 -27.59 15.62
N SER B 339 20.44 -28.02 15.68
CA SER B 339 19.89 -28.58 16.92
C SER B 339 20.35 -30.01 17.19
N GLY B 340 19.78 -30.64 18.22
CA GLY B 340 20.01 -32.05 18.51
C GLY B 340 19.18 -33.03 17.68
N VAL B 341 18.30 -32.50 16.81
CA VAL B 341 17.55 -33.33 15.86
C VAL B 341 17.23 -32.57 14.58
N ASN B 342 17.56 -33.20 13.46
CA ASN B 342 17.29 -32.72 12.10
C ASN B 342 16.25 -33.60 11.34
N ASP B 343 15.68 -34.57 12.07
CA ASP B 343 14.74 -35.60 11.55
C ASP B 343 13.30 -35.06 11.71
N THR B 344 13.15 -33.82 11.29
CA THR B 344 12.00 -32.98 11.57
C THR B 344 11.77 -32.13 10.35
N SER B 345 10.51 -31.76 10.12
CA SER B 345 10.16 -30.85 9.04
C SER B 345 10.38 -29.38 9.42
N LEU B 346 10.35 -29.07 10.73
CA LEU B 346 10.47 -27.67 11.19
C LEU B 346 11.88 -27.09 11.06
N LEU B 347 11.98 -25.93 10.41
CA LEU B 347 13.25 -25.19 10.42
C LEU B 347 13.60 -24.64 11.81
N TYR B 348 12.57 -24.21 12.56
CA TYR B 348 12.77 -23.59 13.86
C TYR B 348 11.91 -24.20 14.95
N ASN B 349 12.34 -24.03 16.21
CA ASN B 349 11.53 -24.42 17.35
C ASN B 349 10.22 -23.63 17.33
N GLU B 350 9.15 -24.23 17.85
CA GLU B 350 7.96 -23.50 18.25
C GLU B 350 7.50 -24.02 19.60
N TYR B 351 6.80 -23.17 20.35
CA TYR B 351 6.28 -23.51 21.66
C TYR B 351 4.80 -23.14 21.70
N ILE B 352 3.96 -24.07 22.15
CA ILE B 352 2.53 -23.84 22.21
C ILE B 352 1.95 -24.11 23.59
N VAL B 353 1.15 -23.18 24.11
CA VAL B 353 0.37 -23.43 25.34
C VAL B 353 -1.10 -23.42 25.00
N TYR B 354 -1.89 -24.10 25.81
CA TYR B 354 -3.31 -24.30 25.53
C TYR B 354 -4.23 -23.67 26.58
N ASP B 355 -3.66 -22.82 27.42
CA ASP B 355 -4.42 -22.05 28.42
C ASP B 355 -3.89 -20.61 28.35
N ILE B 356 -4.81 -19.66 28.17
CA ILE B 356 -4.43 -18.24 27.97
C ILE B 356 -3.66 -17.70 29.19
N ALA B 357 -3.92 -18.26 30.37
CA ALA B 357 -3.29 -17.77 31.59
C ALA B 357 -1.81 -18.18 31.73
N GLN B 358 -1.31 -19.07 30.87
CA GLN B 358 0.10 -19.45 30.90
C GLN B 358 1.05 -18.38 30.29
N VAL B 359 0.50 -17.22 29.91
CA VAL B 359 1.27 -16.18 29.20
C VAL B 359 1.23 -14.87 29.98
N ASN B 360 2.40 -14.26 30.15
CA ASN B 360 2.49 -12.93 30.73
C ASN B 360 3.32 -12.06 29.79
N LEU B 361 2.64 -11.14 29.12
CA LEU B 361 3.29 -10.28 28.12
C LEU B 361 4.16 -9.27 28.85
N LYS B 362 5.43 -9.13 28.41
CA LYS B 362 6.40 -8.24 29.07
C LYS B 362 6.84 -7.06 28.23
N TYR B 363 7.21 -7.33 26.97
CA TYR B 363 7.62 -6.27 26.07
C TYR B 363 6.93 -6.29 24.71
N LEU B 364 6.88 -5.11 24.08
CA LEU B 364 6.42 -4.94 22.73
C LEU B 364 7.50 -4.18 21.95
N LEU B 365 7.93 -4.76 20.82
CA LEU B 365 8.96 -4.13 20.01
C LEU B 365 8.33 -3.61 18.75
N LYS B 366 8.71 -2.40 18.37
CA LYS B 366 8.45 -1.91 17.06
C LYS B 366 9.71 -2.02 16.25
N LEU B 367 9.63 -2.69 15.10
CA LEU B 367 10.79 -2.97 14.27
C LEU B 367 10.67 -2.48 12.87
N LYS B 368 11.81 -2.11 12.30
CA LYS B 368 11.91 -1.68 10.93
C LYS B 368 12.40 -2.88 10.19
N PHE B 369 11.68 -3.23 9.13
CA PHE B 369 12.09 -4.29 8.23
C PHE B 369 12.77 -3.61 7.04
N ASN B 370 14.08 -3.80 6.90
CA ASN B 370 14.84 -3.18 5.84
C ASN B 370 15.03 -4.23 4.77
N PHE B 371 14.12 -4.24 3.80
CA PHE B 371 14.15 -5.24 2.74
C PHE B 371 15.37 -5.00 1.85
N LYS B 372 15.94 -6.06 1.27
CA LYS B 372 17.16 -5.88 0.47
C LYS B 372 16.83 -5.44 -0.94
N1 2YQ C . 3.25 15.95 -14.72
N3 2YQ C . 4.89 19.62 -13.44
C4 2YQ C . 5.47 15.42 -15.63
C5 2YQ C . 2.85 17.94 -13.78
C6 2YQ C . 3.45 19.35 -13.33
C7 2YQ C . 5.67 18.77 -14.16
C8 2YQ C . 6.99 19.13 -14.46
C10 2YQ C . 7.28 17.00 -15.51
C13 2YQ C . 1.28 21.44 -11.45
C15 2YQ C . 1.19 19.22 -10.50
C17 2YQ C . 1.83 18.22 -14.94
F2 2YQ C . -0.49 21.24 -9.29
C14 2YQ C . 0.76 20.57 -10.53
C12 2YQ C . 2.22 21.00 -12.34
C16 2YQ C . 2.13 18.78 -11.41
C11 2YQ C . 2.69 19.70 -12.28
N6 2YQ C . 2.04 17.94 -16.28
C18 2YQ C . 1.00 18.31 -17.10
N5 2YQ C . 0.08 18.82 -16.29
N4 2YQ C . 0.57 18.81 -14.94
C19 2YQ C . -0.38 19.36 -13.95
C3 2YQ C . 3.79 17.14 -14.29
C2 2YQ C . 5.14 17.55 -14.55
C9 2YQ C . 7.81 18.23 -15.15
F1 2YQ C . 9.22 18.48 -15.54
C1 2YQ C . 5.96 16.68 -15.22
O 2YQ C . 6.23 14.62 -16.18
N2 2YQ C . 4.13 15.07 -15.40
N1 2YQ D . 1.71 -16.20 15.68
N3 2YQ D . 2.03 -20.21 14.48
C4 2YQ D . 4.03 -16.12 16.22
C5 2YQ D . 0.54 -18.09 14.88
C6 2YQ D . 0.64 -19.64 14.55
C7 2YQ D . 3.15 -19.51 14.96
C8 2YQ D . 4.38 -20.14 15.04
C10 2YQ D . 5.36 -18.10 15.89
C13 2YQ D . -2.37 -20.74 12.68
C15 2YQ D . -1.12 -19.30 11.25
C17 2YQ D . -0.46 -17.99 15.96
F2 2YQ D . -3.44 -20.30 10.30
C14 2YQ D . -2.26 -20.09 11.45
C12 2YQ D . -1.40 -20.60 13.68
C16 2YQ D . -0.14 -19.15 12.24
C11 2YQ D . -0.26 -19.82 13.47
N6 2YQ D . -0.18 -17.96 17.30
C18 2YQ D . -1.32 -17.88 17.99
N5 2YQ D . -2.31 -17.86 17.09
N4 2YQ D . -1.81 -17.94 15.86
C19 2YQ D . -2.74 -17.93 14.69
C3 2YQ D . 1.77 -17.49 15.28
C2 2YQ D . 3.00 -18.17 15.36
C9 2YQ D . 5.50 -19.43 15.51
F1 2YQ D . 6.78 -19.99 15.63
C1 2YQ D . 4.14 -17.47 15.83
O 2YQ D . 4.99 -15.47 16.61
N2 2YQ D . 2.79 -15.51 16.16
NA NA E . -5.02 7.62 18.32
#